data_3DPY
#
_entry.id   3DPY
#
_cell.length_a   171.491
_cell.length_b   171.491
_cell.length_c   69.529
_cell.angle_alpha   90.00
_cell.angle_beta   90.00
_cell.angle_gamma   120.00
#
_symmetry.space_group_name_H-M   'P 61'
#
loop_
_entity.id
_entity.type
_entity.pdbx_description
1 polymer 'Protein farnesyltransferase/geranylgeranyltransferase type-1 subunit alpha'
2 polymer 'Protein farnesyltransferase subunit beta'
3 polymer 'caged substrate'
4 non-polymer 'ZINC ION'
5 non-polymer 'FARNESYL DIPHOSPHATE'
6 non-polymer 'ACETIC ACID'
7 water water
#
loop_
_entity_poly.entity_id
_entity_poly.type
_entity_poly.pdbx_seq_one_letter_code
_entity_poly.pdbx_strand_id
1 'polypeptide(L)'
;MAATEGVGESAPGGEPGQPEQPPPPPPPPPAQQPQEEEMAAEAGEAAASPMDDGFLSLDSPTYVLYRDRAEWADIDPVPQ
NDGPSPVVQIIYSEKFRDVYDYFRAVLQRDERSERAFKLTRDAIELNAANYTVWHFRRVLLRSLQKDLQEEMNYIIAIIE
EQPKNYQVWHHRRVLVEWLKDPSQELEFIADILNQDAKNYHAWQHRQWVIQEFRLWDNELQYVDQLLKEDVRNNSVWNQR
HFVISNTTGYSDRAVLEREVQYTLEMIKLVPHNESAWNYLKGILQDRGLSRYPNLLNQLLDLQPSHSSPYLIAFLVDIYE
DMLENQCDNKEDILNKALELCEILAKEKDTIRKEYWRYIGRSLQSKHSRESDIPASV
;
A
2 'polypeptide(L)'
;MASSSSFTYYCPPSSSPVWSEPLYSLRPEHARERLQDDSVETVTSIEQAKVEEKIQEVFSSYKFNHLVPRLVLQREKHFH
YLKRGLRQLTDAYECLDASRPWLCYWILHSLELLDEPIPQIVATDVCQFLELCQSPDGGFGGGPGQYPHLAPTYAAVNAL
CIIGTEEAYNVINREKLLQYLYSLKQPDGSFLMHVGGEVDVRSAYCAASVASLTNIITPDLFEGTAEWIARCQNWEGGIG
GVPGMEAHGGYTFCGLAALVILKKERSLNLKSLLQWVTSRQMRFEGGFQGRCNKLVDGCYSFWQAGLLPLLHRALHAQGD
PALSMSHWMFHQQALQEYILMCCQCPAGGLLDKPGKSRDFYHTCYCLSGLSIAQHFGSGAMLHDVVMGVPENVLQPTHPV
YNIGPDKVIQATTHFLQKPVPGFEECEDAVTSDPATD
;
B
3 'polypeptide(L)' TKCVIM C
#
# COMPACT_ATOMS: atom_id res chain seq x y z
N PHE A 55 -26.22 19.80 20.48
CA PHE A 55 -27.48 20.37 19.93
C PHE A 55 -27.40 20.73 18.45
N LEU A 56 -26.51 21.67 18.10
CA LEU A 56 -26.55 22.28 16.77
C LEU A 56 -25.60 21.67 15.73
N SER A 57 -26.15 21.22 14.62
CA SER A 57 -25.40 20.48 13.61
C SER A 57 -24.48 21.36 12.78
N LEU A 58 -23.45 20.75 12.21
CA LEU A 58 -22.43 21.46 11.47
C LEU A 58 -22.97 21.91 10.12
N ASP A 59 -23.89 21.13 9.56
CA ASP A 59 -24.45 21.41 8.25
C ASP A 59 -25.77 22.15 8.36
N SER A 60 -26.10 22.57 9.58
CA SER A 60 -27.35 23.26 9.88
C SER A 60 -27.34 24.69 9.32
N PRO A 61 -28.47 25.13 8.73
CA PRO A 61 -28.55 26.48 8.17
C PRO A 61 -28.40 27.57 9.23
N THR A 62 -28.75 27.25 10.47
CA THR A 62 -28.66 28.21 11.57
C THR A 62 -27.41 28.00 12.41
N TYR A 63 -26.42 27.31 11.83
CA TYR A 63 -25.15 27.07 12.51
C TYR A 63 -24.44 28.38 12.75
N VAL A 64 -23.94 28.55 13.97
CA VAL A 64 -23.23 29.75 14.37
C VAL A 64 -21.79 29.36 14.73
N LEU A 65 -20.84 30.26 14.46
CA LEU A 65 -19.46 30.04 14.85
C LEU A 65 -19.34 30.03 16.37
N TYR A 66 -18.33 29.34 16.88
CA TYR A 66 -18.11 29.24 18.32
C TYR A 66 -17.73 30.57 18.97
N ARG A 67 -17.11 31.47 18.21
CA ARG A 67 -16.71 32.75 18.78
C ARG A 67 -17.91 33.69 18.90
N ASP A 68 -19.01 33.30 18.26
CA ASP A 68 -20.25 34.05 18.38
C ASP A 68 -21.23 33.30 19.28
N ARG A 69 -20.73 32.35 20.05
CA ARG A 69 -21.60 31.60 20.98
C ARG A 69 -21.39 32.02 22.43
N ALA A 70 -22.48 32.10 23.15
CA ALA A 70 -22.42 32.60 24.52
C ALA A 70 -21.74 31.59 25.43
N GLU A 71 -22.30 30.38 25.49
CA GLU A 71 -21.76 29.35 26.38
C GLU A 71 -20.27 29.24 26.17
N TRP A 72 -19.72 29.99 25.22
CA TRP A 72 -18.30 29.85 24.91
C TRP A 72 -17.51 31.14 25.07
N ALA A 73 -18.10 32.13 25.73
CA ALA A 73 -17.47 33.45 25.86
C ALA A 73 -16.35 33.46 26.90
N ASP A 74 -16.43 32.54 27.87
CA ASP A 74 -15.42 32.46 28.92
C ASP A 74 -14.07 31.95 28.43
N ILE A 75 -14.09 31.09 27.41
CA ILE A 75 -12.86 30.53 26.88
C ILE A 75 -12.28 31.43 25.80
N ASP A 76 -10.97 31.65 25.87
CA ASP A 76 -10.24 32.28 24.77
C ASP A 76 -9.77 31.19 23.82
N PRO A 77 -10.00 31.40 22.52
CA PRO A 77 -9.57 30.44 21.51
C PRO A 77 -8.06 30.43 21.37
N VAL A 78 -7.49 29.29 20.99
CA VAL A 78 -6.06 29.16 20.80
C VAL A 78 -5.74 29.01 19.32
N PRO A 79 -5.17 30.07 18.72
CA PRO A 79 -4.76 30.05 17.32
C PRO A 79 -3.67 29.01 17.08
N GLN A 80 -3.60 28.49 15.85
CA GLN A 80 -2.59 27.51 15.52
C GLN A 80 -1.19 28.12 15.54
N ASN A 81 -0.28 27.46 16.22
CA ASN A 81 1.10 27.88 16.31
C ASN A 81 1.89 27.51 15.05
N ASP A 82 1.68 28.22 13.96
CA ASP A 82 2.31 27.85 12.69
C ASP A 82 3.72 28.42 12.50
N GLY A 83 4.11 29.36 13.35
CA GLY A 83 5.46 29.94 13.28
C GLY A 83 5.54 31.23 12.49
N PRO A 84 6.71 31.89 12.53
CA PRO A 84 6.94 33.16 11.81
C PRO A 84 6.61 33.07 10.32
N SER A 85 7.25 32.16 9.60
CA SER A 85 6.88 31.91 8.21
C SER A 85 6.68 30.42 7.91
N PRO A 86 5.44 30.03 7.61
CA PRO A 86 5.05 28.63 7.60
C PRO A 86 5.16 27.95 6.24
N VAL A 87 5.19 26.63 6.24
CA VAL A 87 5.15 25.87 5.01
C VAL A 87 3.85 25.07 4.97
N VAL A 88 3.60 24.41 3.84
CA VAL A 88 2.36 23.66 3.66
C VAL A 88 1.25 24.22 4.53
N GLN A 89 1.09 25.54 4.49
CA GLN A 89 0.04 26.21 5.26
C GLN A 89 -1.29 26.06 4.55
N ILE A 90 -2.31 25.64 5.30
CA ILE A 90 -3.61 25.40 4.72
C ILE A 90 -4.49 26.60 5.00
N ILE A 91 -5.05 27.19 3.95
CA ILE A 91 -5.98 28.29 4.11
C ILE A 91 -7.33 27.71 4.55
N TYR A 92 -7.47 27.49 5.85
CA TYR A 92 -8.70 26.94 6.39
C TYR A 92 -9.88 27.88 6.14
N SER A 93 -11.07 27.30 6.12
CA SER A 93 -12.29 28.08 6.05
C SER A 93 -12.56 28.73 7.40
N GLU A 94 -13.61 29.53 7.45
CA GLU A 94 -14.00 30.21 8.68
C GLU A 94 -14.45 29.19 9.70
N LYS A 95 -15.32 28.28 9.26
CA LYS A 95 -15.90 27.26 10.13
C LYS A 95 -14.81 26.37 10.70
N PHE A 96 -13.84 25.98 9.88
CA PHE A 96 -12.80 25.05 10.26
C PHE A 96 -11.92 25.62 11.37
N ARG A 97 -11.34 26.78 11.09
CA ARG A 97 -10.42 27.44 12.01
C ARG A 97 -11.12 27.79 13.32
N ASP A 98 -12.39 28.18 13.23
CA ASP A 98 -13.16 28.55 14.41
C ASP A 98 -13.27 27.35 15.35
N VAL A 99 -13.65 26.20 14.81
CA VAL A 99 -13.83 25.00 15.61
C VAL A 99 -12.51 24.51 16.21
N TYR A 100 -11.45 24.55 15.42
CA TYR A 100 -10.18 24.02 15.86
C TYR A 100 -9.43 24.97 16.79
N ASP A 101 -9.71 26.26 16.66
CA ASP A 101 -9.17 27.24 17.59
C ASP A 101 -9.78 26.97 18.96
N TYR A 102 -11.05 26.59 18.98
CA TYR A 102 -11.72 26.28 20.23
C TYR A 102 -11.38 24.89 20.73
N PHE A 103 -11.07 23.97 19.81
CA PHE A 103 -10.66 22.65 20.24
C PHE A 103 -9.27 22.71 20.86
N ARG A 104 -8.39 23.51 20.26
CA ARG A 104 -7.05 23.69 20.80
C ARG A 104 -7.11 24.25 22.21
N ALA A 105 -8.19 24.95 22.53
CA ALA A 105 -8.31 25.56 23.84
C ALA A 105 -8.72 24.53 24.86
N VAL A 106 -9.80 23.80 24.59
CA VAL A 106 -10.26 22.79 25.54
C VAL A 106 -9.22 21.69 25.75
N LEU A 107 -8.47 21.37 24.69
CA LEU A 107 -7.41 20.39 24.78
C LEU A 107 -6.31 20.93 25.68
N GLN A 108 -5.91 22.17 25.44
CA GLN A 108 -4.87 22.84 26.21
C GLN A 108 -5.21 22.88 27.69
N ARG A 109 -6.45 23.26 28.00
CA ARG A 109 -6.90 23.33 29.38
C ARG A 109 -7.31 21.95 29.90
N ASP A 110 -7.26 20.94 29.03
CA ASP A 110 -7.78 19.62 29.38
C ASP A 110 -9.14 19.78 30.06
N GLU A 111 -10.02 20.55 29.43
CA GLU A 111 -11.37 20.73 29.94
C GLU A 111 -12.23 19.52 29.57
N ARG A 112 -12.56 18.72 30.56
CA ARG A 112 -13.33 17.52 30.32
C ARG A 112 -14.80 17.76 30.60
N SER A 113 -15.42 18.54 29.71
CA SER A 113 -16.80 18.99 29.90
C SER A 113 -17.72 18.51 28.80
N GLU A 114 -19.02 18.59 29.07
CA GLU A 114 -20.04 18.20 28.11
C GLU A 114 -20.01 19.04 26.84
N ARG A 115 -19.76 20.34 27.00
CA ARG A 115 -19.69 21.21 25.83
C ARG A 115 -18.49 20.84 24.96
N ALA A 116 -17.41 20.37 25.59
CA ALA A 116 -16.22 19.96 24.85
C ALA A 116 -16.47 18.65 24.09
N PHE A 117 -17.27 17.78 24.68
CA PHE A 117 -17.66 16.53 24.03
C PHE A 117 -18.40 16.82 22.74
N LYS A 118 -19.32 17.78 22.80
CA LYS A 118 -20.09 18.19 21.62
C LYS A 118 -19.20 18.89 20.60
N LEU A 119 -18.12 19.50 21.07
CA LEU A 119 -17.21 20.19 20.19
C LEU A 119 -16.38 19.21 19.33
N THR A 120 -16.04 18.06 19.90
CA THR A 120 -15.26 17.05 19.19
C THR A 120 -16.07 16.49 18.02
N ARG A 121 -17.39 16.41 18.17
CA ARG A 121 -18.25 15.96 17.09
C ARG A 121 -18.04 16.84 15.85
N ASP A 122 -18.00 18.16 16.06
CA ASP A 122 -17.82 19.10 14.95
C ASP A 122 -16.40 19.04 14.41
N ALA A 123 -15.43 18.91 15.30
CA ALA A 123 -14.03 18.80 14.90
C ALA A 123 -13.80 17.55 14.05
N ILE A 124 -14.46 16.47 14.44
CA ILE A 124 -14.39 15.22 13.70
C ILE A 124 -15.07 15.36 12.34
N GLU A 125 -16.21 16.02 12.32
CA GLU A 125 -16.97 16.14 11.08
C GLU A 125 -16.18 16.95 10.06
N LEU A 126 -15.41 17.91 10.56
CA LEU A 126 -14.57 18.74 9.71
C LEU A 126 -13.35 17.98 9.22
N ASN A 127 -12.86 17.05 10.04
CA ASN A 127 -11.71 16.23 9.69
C ASN A 127 -11.70 14.93 10.49
N ALA A 128 -12.33 13.90 9.93
CA ALA A 128 -12.41 12.61 10.59
C ALA A 128 -11.05 11.94 10.75
N ALA A 129 -10.04 12.46 10.05
CA ALA A 129 -8.70 11.88 10.09
C ALA A 129 -7.83 12.47 11.21
N ASN A 130 -8.42 13.33 12.04
CA ASN A 130 -7.66 13.91 13.14
C ASN A 130 -7.68 13.02 14.38
N TYR A 131 -6.65 12.21 14.51
CA TYR A 131 -6.59 11.21 15.56
C TYR A 131 -6.50 11.83 16.97
N THR A 132 -5.91 13.02 17.08
CA THR A 132 -5.82 13.73 18.36
C THR A 132 -7.21 14.02 18.89
N VAL A 133 -8.09 14.49 18.03
CA VAL A 133 -9.47 14.79 18.41
C VAL A 133 -10.17 13.51 18.83
N TRP A 134 -9.93 12.40 18.11
CA TRP A 134 -10.53 11.11 18.50
C TRP A 134 -9.99 10.62 19.84
N HIS A 135 -8.72 10.90 20.11
CA HIS A 135 -8.15 10.50 21.38
C HIS A 135 -8.81 11.26 22.52
N PHE A 136 -8.95 12.57 22.35
CA PHE A 136 -9.59 13.40 23.35
C PHE A 136 -11.04 13.01 23.56
N ARG A 137 -11.72 12.67 22.47
CA ARG A 137 -13.11 12.24 22.59
C ARG A 137 -13.26 10.95 23.41
N ARG A 138 -12.29 10.05 23.28
CA ARG A 138 -12.31 8.82 24.07
C ARG A 138 -12.02 9.12 25.53
N VAL A 139 -11.13 10.07 25.80
CA VAL A 139 -10.89 10.53 27.17
C VAL A 139 -12.21 11.06 27.76
N LEU A 140 -12.92 11.86 26.95
CA LEU A 140 -14.19 12.42 27.36
C LEU A 140 -15.26 11.36 27.61
N LEU A 141 -15.31 10.34 26.75
CA LEU A 141 -16.30 9.30 26.89
C LEU A 141 -16.20 8.64 28.27
N ARG A 142 -14.98 8.40 28.73
CA ARG A 142 -14.73 7.79 30.03
C ARG A 142 -14.95 8.79 31.17
N SER A 143 -14.37 9.96 31.05
CA SER A 143 -14.47 10.97 32.11
C SER A 143 -15.90 11.38 32.36
N LEU A 144 -16.66 11.60 31.30
CA LEU A 144 -18.03 12.07 31.44
C LEU A 144 -19.00 10.92 31.62
N GLN A 145 -18.49 9.69 31.66
CA GLN A 145 -19.33 8.51 31.77
C GLN A 145 -20.47 8.54 30.75
N LYS A 146 -20.13 8.58 29.47
CA LYS A 146 -21.17 8.67 28.46
C LYS A 146 -21.71 7.30 28.07
N ASP A 147 -23.00 7.25 27.78
CA ASP A 147 -23.65 6.03 27.32
C ASP A 147 -22.97 5.58 26.02
N LEU A 148 -22.39 4.38 26.05
CA LEU A 148 -21.58 3.90 24.95
C LEU A 148 -22.40 3.34 23.80
N GLN A 149 -23.65 2.95 24.08
CA GLN A 149 -24.55 2.57 22.98
C GLN A 149 -24.97 3.78 22.17
N GLU A 150 -25.06 4.93 22.83
CA GLU A 150 -25.32 6.15 22.10
C GLU A 150 -24.11 6.42 21.19
N GLU A 151 -22.92 6.21 21.76
CA GLU A 151 -21.70 6.45 21.01
C GLU A 151 -21.58 5.46 19.84
N MET A 152 -22.04 4.23 20.04
CA MET A 152 -22.06 3.27 18.96
C MET A 152 -22.99 3.72 17.84
N ASN A 153 -24.12 4.31 18.19
CA ASN A 153 -25.04 4.85 17.19
C ASN A 153 -24.36 5.97 16.42
N TYR A 154 -23.53 6.74 17.11
CA TYR A 154 -22.80 7.82 16.49
C TYR A 154 -21.75 7.30 15.51
N ILE A 155 -20.93 6.35 15.94
CA ILE A 155 -19.86 5.84 15.08
C ILE A 155 -20.39 5.04 13.87
N ILE A 156 -21.54 4.42 14.05
CA ILE A 156 -22.17 3.70 12.95
C ILE A 156 -22.46 4.71 11.84
N ALA A 157 -23.00 5.86 12.23
CA ALA A 157 -23.35 6.90 11.28
C ALA A 157 -22.11 7.41 10.55
N ILE A 158 -21.08 7.78 11.32
CA ILE A 158 -19.83 8.32 10.77
C ILE A 158 -19.07 7.35 9.83
N ILE A 159 -19.07 6.07 10.18
CA ILE A 159 -18.47 5.07 9.31
C ILE A 159 -19.23 4.96 7.99
N GLU A 160 -20.56 5.00 8.06
CA GLU A 160 -21.36 4.98 6.83
C GLU A 160 -20.91 6.07 5.84
N GLU A 161 -20.63 7.26 6.33
CA GLU A 161 -20.30 8.36 5.41
C GLU A 161 -18.82 8.48 5.04
N GLN A 162 -17.94 8.02 5.94
CA GLN A 162 -16.51 7.99 5.64
C GLN A 162 -15.89 6.64 5.94
N PRO A 163 -16.26 5.64 5.15
CA PRO A 163 -15.92 4.24 5.46
C PRO A 163 -14.44 3.89 5.24
N LYS A 164 -13.70 4.73 4.50
CA LYS A 164 -12.31 4.43 4.18
C LYS A 164 -11.33 5.12 5.11
N ASN A 165 -11.80 5.50 6.29
CA ASN A 165 -11.01 6.26 7.25
C ASN A 165 -10.49 5.33 8.33
N TYR A 166 -9.22 5.51 8.74
CA TYR A 166 -8.60 4.64 9.74
C TYR A 166 -9.16 4.83 11.14
N GLN A 167 -9.29 6.09 11.55
CA GLN A 167 -9.67 6.43 12.92
C GLN A 167 -11.08 5.97 13.29
N VAL A 168 -11.99 5.97 12.33
CA VAL A 168 -13.39 5.65 12.64
C VAL A 168 -13.57 4.18 12.98
N TRP A 169 -12.83 3.32 12.28
CA TRP A 169 -12.88 1.90 12.54
C TRP A 169 -12.24 1.55 13.87
N HIS A 170 -11.13 2.19 14.19
CA HIS A 170 -10.47 1.92 15.45
C HIS A 170 -11.34 2.35 16.62
N HIS A 171 -12.07 3.45 16.43
CA HIS A 171 -12.98 3.96 17.46
C HIS A 171 -14.07 2.92 17.76
N ARG A 172 -14.68 2.38 16.72
CA ARG A 172 -15.67 1.32 16.88
C ARG A 172 -15.12 0.10 17.62
N ARG A 173 -13.92 -0.33 17.23
CA ARG A 173 -13.24 -1.43 17.89
C ARG A 173 -13.16 -1.16 19.38
N VAL A 174 -12.64 0.01 19.72
CA VAL A 174 -12.50 0.37 21.11
C VAL A 174 -13.83 0.28 21.86
N LEU A 175 -14.90 0.74 21.22
CA LEU A 175 -16.22 0.70 21.85
C LEU A 175 -16.65 -0.75 22.11
N VAL A 176 -16.63 -1.56 21.06
CA VAL A 176 -16.94 -2.97 21.17
C VAL A 176 -16.09 -3.62 22.27
N GLU A 177 -14.82 -3.23 22.35
CA GLU A 177 -13.93 -3.73 23.40
C GLU A 177 -14.40 -3.32 24.80
N TRP A 178 -14.85 -2.08 24.93
CA TRP A 178 -15.29 -1.57 26.22
C TRP A 178 -16.58 -2.23 26.67
N LEU A 179 -17.50 -2.43 25.72
CA LEU A 179 -18.83 -2.92 26.01
C LEU A 179 -18.84 -4.43 26.08
N LYS A 180 -17.80 -5.04 25.54
CA LYS A 180 -17.73 -6.48 25.36
C LYS A 180 -18.97 -6.97 24.62
N ASP A 181 -19.41 -6.22 23.61
CA ASP A 181 -20.64 -6.56 22.90
C ASP A 181 -20.45 -6.54 21.38
N PRO A 182 -20.39 -7.73 20.77
CA PRO A 182 -20.22 -7.87 19.32
C PRO A 182 -21.53 -8.07 18.60
N SER A 183 -22.64 -8.01 19.32
CA SER A 183 -23.94 -8.39 18.77
C SER A 183 -24.38 -7.59 17.53
N GLN A 184 -23.89 -6.37 17.38
CA GLN A 184 -24.28 -5.52 16.26
C GLN A 184 -23.29 -5.59 15.10
N GLU A 185 -22.14 -6.21 15.34
CA GLU A 185 -21.00 -6.07 14.44
C GLU A 185 -21.14 -6.70 13.06
N LEU A 186 -21.40 -8.00 13.01
CA LEU A 186 -21.49 -8.69 11.72
C LEU A 186 -22.52 -8.05 10.80
N GLU A 187 -23.62 -7.61 11.38
CA GLU A 187 -24.69 -7.05 10.58
C GLU A 187 -24.35 -5.65 10.09
N PHE A 188 -23.69 -4.87 10.94
CA PHE A 188 -23.20 -3.55 10.54
C PHE A 188 -22.17 -3.64 9.43
N ILE A 189 -21.17 -4.48 9.60
CA ILE A 189 -20.14 -4.69 8.58
C ILE A 189 -20.75 -5.15 7.25
N ALA A 190 -21.73 -6.04 7.32
CA ALA A 190 -22.39 -6.55 6.12
C ALA A 190 -23.01 -5.40 5.33
N ASP A 191 -23.50 -4.39 6.04
CA ASP A 191 -24.13 -3.25 5.38
C ASP A 191 -23.12 -2.37 4.65
N ILE A 192 -21.97 -2.14 5.29
CA ILE A 192 -20.88 -1.43 4.62
C ILE A 192 -20.44 -2.22 3.39
N LEU A 193 -20.29 -3.53 3.55
CA LEU A 193 -19.88 -4.42 2.46
C LEU A 193 -20.93 -4.51 1.36
N ASN A 194 -22.14 -4.08 1.69
CA ASN A 194 -23.19 -4.03 0.69
C ASN A 194 -23.03 -2.84 -0.25
N GLN A 195 -22.36 -1.79 0.22
CA GLN A 195 -22.13 -0.59 -0.59
C GLN A 195 -20.73 -0.61 -1.23
N ASP A 196 -19.76 -1.17 -0.50
CA ASP A 196 -18.44 -1.47 -1.06
C ASP A 196 -17.98 -2.83 -0.54
N ALA A 197 -18.03 -3.83 -1.41
CA ALA A 197 -17.83 -5.21 -1.01
C ALA A 197 -16.37 -5.55 -0.81
N LYS A 198 -15.48 -4.58 -1.02
CA LYS A 198 -14.07 -4.84 -0.92
C LYS A 198 -13.38 -3.93 0.08
N ASN A 199 -14.18 -3.14 0.79
CA ASN A 199 -13.62 -2.21 1.77
C ASN A 199 -12.66 -2.89 2.75
N TYR A 200 -11.40 -2.50 2.66
CA TYR A 200 -10.35 -3.14 3.44
C TYR A 200 -10.56 -3.10 4.96
N HIS A 201 -10.88 -1.92 5.50
CA HIS A 201 -11.07 -1.78 6.94
C HIS A 201 -12.27 -2.58 7.43
N ALA A 202 -13.28 -2.70 6.58
CA ALA A 202 -14.49 -3.43 6.93
C ALA A 202 -14.20 -4.91 7.10
N TRP A 203 -13.45 -5.48 6.15
CA TRP A 203 -13.05 -6.89 6.24
C TRP A 203 -12.13 -7.11 7.44
N GLN A 204 -11.24 -6.17 7.67
CA GLN A 204 -10.31 -6.27 8.78
C GLN A 204 -11.02 -6.27 10.11
N HIS A 205 -12.07 -5.45 10.21
CA HIS A 205 -12.82 -5.35 11.44
C HIS A 205 -13.59 -6.65 11.63
N ARG A 206 -14.16 -7.15 10.53
CA ARG A 206 -14.93 -8.39 10.53
C ARG A 206 -14.07 -9.58 10.96
N GLN A 207 -12.83 -9.59 10.54
CA GLN A 207 -11.93 -10.65 10.96
C GLN A 207 -11.65 -10.53 12.45
N TRP A 208 -11.35 -9.34 12.91
CA TRP A 208 -11.04 -9.15 14.32
C TRP A 208 -12.22 -9.52 15.22
N VAL A 209 -13.43 -9.13 14.82
CA VAL A 209 -14.62 -9.41 15.60
C VAL A 209 -14.87 -10.91 15.67
N ILE A 210 -14.81 -11.56 14.50
CA ILE A 210 -15.03 -12.99 14.39
C ILE A 210 -14.00 -13.80 15.18
N GLN A 211 -12.75 -13.36 15.15
CA GLN A 211 -11.69 -14.06 15.86
C GLN A 211 -11.82 -13.90 17.37
N GLU A 212 -12.05 -12.68 17.84
CA GLU A 212 -12.09 -12.39 19.27
C GLU A 212 -13.29 -12.97 19.98
N PHE A 213 -14.43 -12.94 19.30
CA PHE A 213 -15.69 -13.33 19.91
C PHE A 213 -16.15 -14.69 19.43
N ARG A 214 -15.28 -15.38 18.67
CA ARG A 214 -15.56 -16.73 18.18
C ARG A 214 -16.91 -16.85 17.49
N LEU A 215 -17.18 -15.99 16.51
CA LEU A 215 -18.43 -16.07 15.77
C LEU A 215 -18.21 -16.67 14.38
N TRP A 216 -17.65 -17.87 14.35
CA TRP A 216 -17.30 -18.56 13.11
C TRP A 216 -18.48 -19.23 12.42
N ASP A 217 -19.49 -19.60 13.21
CA ASP A 217 -20.58 -20.44 12.73
C ASP A 217 -21.17 -20.07 11.36
N ASN A 218 -21.50 -18.80 11.15
CA ASN A 218 -22.23 -18.41 9.95
C ASN A 218 -21.43 -17.73 8.83
N GLU A 219 -20.12 -17.57 9.04
CA GLU A 219 -19.33 -16.75 8.13
C GLU A 219 -19.10 -17.41 6.76
N LEU A 220 -18.95 -18.71 6.74
CA LEU A 220 -18.70 -19.43 5.50
C LEU A 220 -19.90 -19.30 4.59
N GLN A 221 -21.07 -19.36 5.18
CA GLN A 221 -22.30 -19.18 4.45
C GLN A 221 -22.34 -17.76 3.85
N TYR A 222 -21.92 -16.77 4.63
CA TYR A 222 -21.83 -15.38 4.20
C TYR A 222 -20.87 -15.25 3.02
N VAL A 223 -19.73 -15.94 3.13
CA VAL A 223 -18.77 -15.97 2.04
C VAL A 223 -19.41 -16.50 0.76
N ASP A 224 -20.17 -17.58 0.88
CA ASP A 224 -20.78 -18.21 -0.28
C ASP A 224 -21.77 -17.28 -0.99
N GLN A 225 -22.50 -16.49 -0.20
CA GLN A 225 -23.45 -15.53 -0.75
C GLN A 225 -22.74 -14.46 -1.57
N LEU A 226 -21.64 -13.94 -1.02
CA LEU A 226 -20.91 -12.87 -1.68
C LEU A 226 -20.15 -13.36 -2.89
N LEU A 227 -19.65 -14.59 -2.83
CA LEU A 227 -19.03 -15.21 -4.01
C LEU A 227 -20.08 -15.43 -5.09
N LYS A 228 -21.27 -15.86 -4.67
CA LYS A 228 -22.38 -15.90 -5.60
C LYS A 228 -22.46 -14.54 -6.29
N GLU A 229 -22.80 -13.53 -5.50
CA GLU A 229 -22.95 -12.16 -6.02
C GLU A 229 -21.81 -11.71 -6.95
N ASP A 230 -20.57 -11.92 -6.54
CA ASP A 230 -19.41 -11.55 -7.36
C ASP A 230 -18.26 -12.50 -7.09
N VAL A 231 -18.05 -13.43 -8.02
CA VAL A 231 -17.07 -14.50 -7.85
C VAL A 231 -15.64 -13.98 -8.04
N ARG A 232 -15.52 -12.76 -8.54
CA ARG A 232 -14.23 -12.14 -8.74
C ARG A 232 -13.75 -11.37 -7.51
N ASN A 233 -14.56 -11.37 -6.44
CA ASN A 233 -14.22 -10.58 -5.26
C ASN A 233 -13.13 -11.24 -4.42
N ASN A 234 -11.91 -10.73 -4.57
CA ASN A 234 -10.75 -11.33 -3.93
C ASN A 234 -10.77 -11.21 -2.41
N SER A 235 -11.52 -10.25 -1.91
CA SER A 235 -11.64 -10.06 -0.47
C SER A 235 -12.41 -11.22 0.12
N VAL A 236 -13.40 -11.72 -0.63
CA VAL A 236 -14.24 -12.82 -0.19
C VAL A 236 -13.50 -14.15 -0.27
N TRP A 237 -12.60 -14.28 -1.25
CA TRP A 237 -11.75 -15.48 -1.36
C TRP A 237 -10.73 -15.49 -0.24
N ASN A 238 -10.38 -14.31 0.25
CA ASN A 238 -9.47 -14.24 1.37
C ASN A 238 -10.22 -14.58 2.64
N GLN A 239 -11.48 -14.17 2.72
CA GLN A 239 -12.28 -14.45 3.91
C GLN A 239 -12.58 -15.95 4.00
N ARG A 240 -12.74 -16.59 2.85
CA ARG A 240 -12.94 -18.03 2.80
C ARG A 240 -11.73 -18.78 3.37
N HIS A 241 -10.54 -18.34 3.00
CA HIS A 241 -9.33 -18.96 3.54
C HIS A 241 -9.19 -18.65 5.02
N PHE A 242 -9.78 -17.53 5.43
CA PHE A 242 -9.67 -17.10 6.81
C PHE A 242 -10.56 -17.99 7.67
N VAL A 243 -11.80 -18.17 7.24
CA VAL A 243 -12.76 -18.98 7.96
C VAL A 243 -12.33 -20.45 8.06
N ILE A 244 -12.07 -21.06 6.92
CA ILE A 244 -11.71 -22.47 6.86
C ILE A 244 -10.49 -22.78 7.73
N SER A 245 -9.40 -22.05 7.52
CA SER A 245 -8.15 -22.38 8.19
C SER A 245 -8.20 -22.13 9.70
N ASN A 246 -9.21 -21.39 10.16
CA ASN A 246 -9.36 -21.15 11.59
C ASN A 246 -10.43 -22.03 12.24
N THR A 247 -11.14 -22.81 11.41
CA THR A 247 -12.09 -23.78 11.92
C THR A 247 -11.59 -25.22 11.68
N THR A 248 -11.92 -25.77 10.52
CA THR A 248 -11.58 -27.15 10.17
C THR A 248 -10.12 -27.27 9.75
N GLY A 249 -9.60 -26.27 9.07
CA GLY A 249 -8.26 -26.35 8.52
C GLY A 249 -8.30 -27.07 7.18
N TYR A 250 -7.15 -27.15 6.53
CA TYR A 250 -7.08 -27.69 5.18
C TYR A 250 -6.42 -29.06 5.12
N SER A 251 -6.18 -29.65 6.28
CA SER A 251 -5.60 -30.99 6.35
C SER A 251 -6.66 -32.09 6.34
N ASP A 252 -7.86 -31.75 6.80
CA ASP A 252 -9.01 -32.63 6.63
C ASP A 252 -9.24 -32.88 5.14
N ARG A 253 -8.89 -34.09 4.71
CA ARG A 253 -8.91 -34.46 3.29
C ARG A 253 -10.27 -34.24 2.63
N ALA A 254 -11.35 -34.38 3.39
CA ALA A 254 -12.68 -34.11 2.88
C ALA A 254 -12.90 -32.62 2.62
N VAL A 255 -12.36 -31.77 3.49
CA VAL A 255 -12.47 -30.33 3.33
C VAL A 255 -11.60 -29.83 2.16
N LEU A 256 -10.35 -30.28 2.11
CA LEU A 256 -9.48 -29.98 0.98
C LEU A 256 -10.08 -30.49 -0.34
N GLU A 257 -10.84 -31.57 -0.26
CA GLU A 257 -11.51 -32.11 -1.43
C GLU A 257 -12.62 -31.17 -1.87
N ARG A 258 -13.48 -30.80 -0.93
CA ARG A 258 -14.62 -29.96 -1.21
C ARG A 258 -14.20 -28.62 -1.81
N GLU A 259 -13.10 -28.07 -1.30
CA GLU A 259 -12.61 -26.77 -1.72
C GLU A 259 -12.09 -26.76 -3.15
N VAL A 260 -11.30 -27.77 -3.49
CA VAL A 260 -10.69 -27.83 -4.81
C VAL A 260 -11.74 -28.11 -5.89
N GLN A 261 -12.69 -28.98 -5.60
CA GLN A 261 -13.82 -29.22 -6.52
C GLN A 261 -14.59 -27.93 -6.77
N TYR A 262 -14.83 -27.18 -5.69
CA TYR A 262 -15.52 -25.91 -5.76
C TYR A 262 -14.72 -24.90 -6.58
N THR A 263 -13.41 -24.86 -6.36
CA THR A 263 -12.54 -23.93 -7.06
C THR A 263 -12.42 -24.22 -8.56
N LEU A 264 -12.19 -25.48 -8.91
CA LEU A 264 -12.12 -25.87 -10.32
C LEU A 264 -13.46 -25.60 -10.99
N GLU A 265 -14.54 -25.82 -10.23
CA GLU A 265 -15.89 -25.58 -10.72
C GLU A 265 -16.10 -24.11 -11.09
N MET A 266 -15.53 -23.21 -10.29
CA MET A 266 -15.62 -21.77 -10.54
C MET A 266 -14.69 -21.38 -11.69
N ILE A 267 -13.55 -22.06 -11.79
CA ILE A 267 -12.65 -21.83 -12.92
C ILE A 267 -13.31 -22.27 -14.24
N LYS A 268 -14.00 -23.40 -14.21
CA LYS A 268 -14.79 -23.86 -15.35
C LYS A 268 -15.76 -22.77 -15.80
N LEU A 269 -16.47 -22.19 -14.84
CA LEU A 269 -17.44 -21.14 -15.14
C LEU A 269 -16.78 -19.83 -15.59
N VAL A 270 -15.72 -19.40 -14.88
CA VAL A 270 -15.03 -18.16 -15.22
C VAL A 270 -13.52 -18.37 -15.31
N PRO A 271 -13.07 -18.99 -16.41
CA PRO A 271 -11.68 -19.35 -16.64
C PRO A 271 -10.66 -18.23 -16.42
N HIS A 272 -11.05 -17.00 -16.71
CA HIS A 272 -10.12 -15.87 -16.65
C HIS A 272 -10.14 -15.08 -15.33
N ASN A 273 -10.92 -15.56 -14.36
CA ASN A 273 -10.93 -15.00 -13.00
C ASN A 273 -9.67 -15.41 -12.24
N GLU A 274 -8.80 -14.44 -11.99
CA GLU A 274 -7.53 -14.71 -11.36
C GLU A 274 -7.66 -15.16 -9.89
N SER A 275 -8.71 -14.69 -9.21
CA SER A 275 -8.88 -15.02 -7.80
C SER A 275 -8.98 -16.52 -7.50
N ALA A 276 -9.75 -17.23 -8.32
CA ALA A 276 -9.94 -18.67 -8.15
C ALA A 276 -8.64 -19.42 -8.38
N TRP A 277 -7.90 -18.99 -9.38
CA TRP A 277 -6.59 -19.58 -9.66
C TRP A 277 -5.62 -19.39 -8.51
N ASN A 278 -5.63 -18.20 -7.92
CA ASN A 278 -4.74 -17.91 -6.80
C ASN A 278 -5.11 -18.70 -5.55
N TYR A 279 -6.41 -18.93 -5.37
CA TYR A 279 -6.89 -19.67 -4.23
C TYR A 279 -6.54 -21.14 -4.37
N LEU A 280 -6.68 -21.67 -5.58
CA LEU A 280 -6.34 -23.05 -5.89
C LEU A 280 -4.85 -23.28 -5.62
N LYS A 281 -4.04 -22.32 -6.00
CA LYS A 281 -2.61 -22.39 -5.75
C LYS A 281 -2.33 -22.27 -4.27
N GLY A 282 -3.08 -21.40 -3.59
CA GLY A 282 -2.81 -21.08 -2.20
C GLY A 282 -3.01 -22.21 -1.23
N ILE A 283 -3.98 -23.09 -1.52
CA ILE A 283 -4.32 -24.16 -0.60
C ILE A 283 -3.61 -25.48 -0.89
N LEU A 284 -2.98 -25.59 -2.05
CA LEU A 284 -2.30 -26.83 -2.44
C LEU A 284 -0.78 -26.74 -2.43
N GLN A 285 -0.24 -25.52 -2.46
CA GLN A 285 1.21 -25.34 -2.58
C GLN A 285 1.96 -25.58 -1.29
N ASP A 286 1.27 -25.48 -0.16
CA ASP A 286 1.89 -25.72 1.14
C ASP A 286 2.44 -27.15 1.22
N ARG A 287 1.63 -28.13 0.83
CA ARG A 287 2.02 -29.52 0.89
C ARG A 287 2.85 -29.94 -0.32
N GLY A 288 2.91 -29.07 -1.32
CA GLY A 288 3.60 -29.39 -2.57
C GLY A 288 2.57 -29.74 -3.64
N LEU A 289 2.73 -29.17 -4.83
CA LEU A 289 1.77 -29.40 -5.92
C LEU A 289 1.93 -30.78 -6.58
N SER A 290 3.17 -31.25 -6.64
CA SER A 290 3.47 -32.54 -7.26
C SER A 290 2.92 -33.70 -6.44
N ARG A 291 2.53 -33.41 -5.20
CA ARG A 291 1.95 -34.40 -4.31
C ARG A 291 0.55 -34.77 -4.79
N TYR A 292 0.03 -33.97 -5.72
CA TYR A 292 -1.30 -34.19 -6.27
C TYR A 292 -1.21 -34.43 -7.78
N PRO A 293 -0.95 -35.69 -8.18
CA PRO A 293 -0.62 -36.04 -9.56
C PRO A 293 -1.78 -35.96 -10.53
N ASN A 294 -3.01 -36.07 -10.02
CA ASN A 294 -4.20 -35.99 -10.86
C ASN A 294 -4.49 -34.57 -11.33
N LEU A 295 -4.00 -33.62 -10.55
CA LEU A 295 -4.25 -32.21 -10.79
C LEU A 295 -3.66 -31.78 -12.12
N LEU A 296 -2.38 -32.13 -12.34
CA LEU A 296 -1.67 -31.77 -13.57
C LEU A 296 -2.44 -32.19 -14.81
N ASN A 297 -2.96 -33.41 -14.80
CA ASN A 297 -3.71 -33.93 -15.95
C ASN A 297 -5.04 -33.23 -16.15
N GLN A 298 -5.76 -32.99 -15.05
CA GLN A 298 -7.09 -32.38 -15.14
C GLN A 298 -7.03 -30.92 -15.60
N LEU A 299 -5.89 -30.27 -15.38
CA LEU A 299 -5.70 -28.92 -15.86
C LEU A 299 -5.39 -28.94 -17.36
N LEU A 300 -4.74 -30.01 -17.80
CA LEU A 300 -4.42 -30.18 -19.21
C LEU A 300 -5.65 -30.55 -20.02
N ASP A 301 -6.72 -30.94 -19.33
CA ASP A 301 -7.99 -31.22 -19.97
C ASP A 301 -8.69 -29.94 -20.43
N LEU A 302 -8.42 -28.85 -19.72
CA LEU A 302 -9.06 -27.58 -20.02
C LEU A 302 -8.23 -26.73 -21.00
N GLN A 303 -7.10 -27.28 -21.44
CA GLN A 303 -6.22 -26.63 -22.41
C GLN A 303 -6.92 -26.09 -23.67
N PRO A 304 -7.84 -26.86 -24.29
CA PRO A 304 -8.35 -26.31 -25.51
C PRO A 304 -9.55 -25.42 -25.25
N SER A 305 -10.48 -25.89 -24.41
CA SER A 305 -11.75 -25.20 -24.25
C SER A 305 -11.76 -24.09 -23.18
N HIS A 306 -10.90 -24.21 -22.16
CA HIS A 306 -10.84 -23.20 -21.09
C HIS A 306 -9.43 -22.67 -20.87
N SER A 307 -8.70 -22.39 -21.95
CA SER A 307 -7.34 -21.88 -21.84
C SER A 307 -7.29 -20.47 -21.25
N SER A 308 -6.21 -20.18 -20.51
CA SER A 308 -5.97 -18.85 -19.95
C SER A 308 -4.47 -18.72 -19.65
N PRO A 309 -3.98 -17.47 -19.57
CA PRO A 309 -2.57 -17.25 -19.18
C PRO A 309 -2.29 -17.77 -17.77
N TYR A 310 -3.34 -17.90 -16.96
CA TYR A 310 -3.20 -18.38 -15.59
C TYR A 310 -3.08 -19.91 -15.53
N LEU A 311 -3.70 -20.59 -16.49
CA LEU A 311 -3.61 -22.04 -16.57
C LEU A 311 -2.20 -22.46 -16.96
N ILE A 312 -1.62 -21.73 -17.91
CA ILE A 312 -0.26 -22.00 -18.37
C ILE A 312 0.74 -21.76 -17.25
N ALA A 313 0.47 -20.74 -16.44
CA ALA A 313 1.33 -20.40 -15.31
C ALA A 313 1.28 -21.49 -14.24
N PHE A 314 0.08 -22.02 -14.02
CA PHE A 314 -0.13 -23.05 -13.02
C PHE A 314 0.63 -24.32 -13.40
N LEU A 315 0.58 -24.68 -14.67
CA LEU A 315 1.30 -25.84 -15.18
C LEU A 315 2.79 -25.69 -14.93
N VAL A 316 3.30 -24.47 -15.07
CA VAL A 316 4.71 -24.21 -14.80
C VAL A 316 5.01 -24.44 -13.32
N ASP A 317 4.07 -24.07 -12.46
CA ASP A 317 4.25 -24.25 -11.01
C ASP A 317 4.23 -25.73 -10.61
N ILE A 318 3.39 -26.51 -11.28
CA ILE A 318 3.31 -27.95 -11.04
C ILE A 318 4.59 -28.64 -11.48
N TYR A 319 5.08 -28.30 -12.67
CA TYR A 319 6.35 -28.85 -13.17
C TYR A 319 7.48 -28.40 -12.28
N GLU A 320 7.37 -27.18 -11.75
CA GLU A 320 8.40 -26.61 -10.90
C GLU A 320 8.61 -27.44 -9.65
N ASP A 321 7.50 -27.83 -9.02
CA ASP A 321 7.56 -28.64 -7.81
C ASP A 321 7.92 -30.08 -8.13
N MET A 322 7.51 -30.54 -9.31
CA MET A 322 7.87 -31.88 -9.78
C MET A 322 9.39 -32.01 -9.91
N LEU A 323 10.03 -30.98 -10.45
CA LEU A 323 11.47 -30.97 -10.66
C LEU A 323 12.27 -30.82 -9.36
N GLU A 324 11.60 -30.36 -8.32
CA GLU A 324 12.23 -30.19 -7.01
C GLU A 324 12.23 -31.52 -6.26
N ASN A 325 11.13 -32.26 -6.41
CA ASN A 325 10.98 -33.55 -5.74
C ASN A 325 11.30 -34.68 -6.70
N GLN A 326 12.50 -34.63 -7.28
CA GLN A 326 12.89 -35.63 -8.27
C GLN A 326 11.68 -36.46 -8.64
N CYS A 327 11.36 -36.49 -9.94
CA CYS A 327 10.25 -37.31 -10.42
C CYS A 327 10.57 -37.96 -11.76
N ASP A 328 9.56 -38.58 -12.36
CA ASP A 328 9.72 -39.30 -13.63
C ASP A 328 10.02 -38.36 -14.79
N ASN A 329 10.99 -38.77 -15.62
CA ASN A 329 11.42 -37.97 -16.76
C ASN A 329 11.92 -36.60 -16.32
N LYS A 330 13.04 -36.58 -15.60
CA LYS A 330 13.57 -35.34 -15.04
C LYS A 330 14.31 -34.50 -16.09
N GLU A 331 13.79 -34.52 -17.31
CA GLU A 331 14.33 -33.70 -18.39
C GLU A 331 13.27 -33.42 -19.44
N ASP A 332 12.35 -34.36 -19.58
CA ASP A 332 11.19 -34.17 -20.45
C ASP A 332 10.25 -33.14 -19.83
N ILE A 333 10.13 -33.18 -18.51
CA ILE A 333 9.29 -32.24 -17.77
C ILE A 333 9.85 -30.83 -17.81
N LEU A 334 11.18 -30.71 -17.77
CA LEU A 334 11.85 -29.42 -17.89
C LEU A 334 11.53 -28.74 -19.22
N ASN A 335 11.67 -29.48 -20.32
CA ASN A 335 11.39 -28.95 -21.65
C ASN A 335 9.94 -28.47 -21.78
N LYS A 336 9.02 -29.23 -21.19
CA LYS A 336 7.62 -28.84 -21.18
C LYS A 336 7.45 -27.47 -20.52
N ALA A 337 8.19 -27.25 -19.44
CA ALA A 337 8.07 -26.03 -18.64
C ALA A 337 8.73 -24.81 -19.30
N LEU A 338 9.92 -25.01 -19.84
CA LEU A 338 10.65 -23.92 -20.50
C LEU A 338 9.90 -23.46 -21.75
N GLU A 339 9.27 -24.41 -22.42
CA GLU A 339 8.45 -24.13 -23.59
C GLU A 339 7.27 -23.23 -23.22
N LEU A 340 6.58 -23.58 -22.14
CA LEU A 340 5.45 -22.80 -21.65
C LEU A 340 5.88 -21.46 -21.08
N CYS A 341 7.06 -21.41 -20.49
CA CYS A 341 7.63 -20.16 -20.00
C CYS A 341 7.85 -19.17 -21.13
N GLU A 342 8.32 -19.68 -22.26
CA GLU A 342 8.61 -18.86 -23.42
C GLU A 342 7.33 -18.40 -24.12
N ILE A 343 6.34 -19.29 -24.21
CA ILE A 343 5.03 -18.91 -24.73
C ILE A 343 4.43 -17.77 -23.91
N LEU A 344 4.65 -17.80 -22.59
CA LEU A 344 4.18 -16.75 -21.70
C LEU A 344 4.98 -15.46 -21.88
N ALA A 345 6.30 -15.56 -21.83
CA ALA A 345 7.19 -14.40 -21.95
C ALA A 345 7.17 -13.72 -23.32
N LYS A 346 6.69 -14.43 -24.34
CA LYS A 346 6.70 -13.91 -25.70
C LYS A 346 5.32 -13.76 -26.34
N GLU A 347 4.33 -14.48 -25.84
CA GLU A 347 3.00 -14.41 -26.44
C GLU A 347 1.84 -14.17 -25.47
N LYS A 348 1.61 -15.11 -24.56
CA LYS A 348 0.37 -15.11 -23.76
C LYS A 348 0.38 -14.15 -22.56
N ASP A 349 1.57 -13.81 -22.06
CA ASP A 349 1.68 -12.99 -20.87
C ASP A 349 2.96 -12.16 -20.91
N THR A 350 3.05 -11.27 -21.91
CA THR A 350 4.28 -10.51 -22.14
C THR A 350 4.55 -9.44 -21.09
N ILE A 351 3.50 -8.99 -20.41
CA ILE A 351 3.64 -7.97 -19.38
C ILE A 351 4.56 -8.46 -18.25
N ARG A 352 4.63 -9.77 -18.08
CA ARG A 352 5.52 -10.38 -17.12
C ARG A 352 6.75 -11.03 -17.76
N LYS A 353 7.18 -10.50 -18.89
CA LYS A 353 8.29 -11.10 -19.64
C LYS A 353 9.55 -11.24 -18.81
N GLU A 354 9.81 -10.25 -17.93
CA GLU A 354 11.00 -10.28 -17.09
C GLU A 354 10.91 -11.34 -16.00
N TYR A 355 9.68 -11.64 -15.57
CA TYR A 355 9.48 -12.68 -14.57
C TYR A 355 9.55 -14.06 -15.20
N TRP A 356 8.98 -14.19 -16.39
CA TRP A 356 8.89 -15.49 -17.06
C TRP A 356 10.21 -15.93 -17.67
N ARG A 357 11.08 -14.98 -17.97
CA ARG A 357 12.41 -15.31 -18.45
C ARG A 357 13.33 -15.59 -17.27
N TYR A 358 12.91 -15.19 -16.09
CA TYR A 358 13.66 -15.46 -14.86
C TYR A 358 13.41 -16.89 -14.39
N ILE A 359 12.15 -17.32 -14.48
CA ILE A 359 11.76 -18.66 -14.09
C ILE A 359 12.50 -19.70 -14.95
N GLY A 360 12.52 -19.46 -16.27
CA GLY A 360 13.23 -20.33 -17.19
C GLY A 360 14.72 -20.41 -16.90
N ARG A 361 15.30 -19.27 -16.55
CA ARG A 361 16.70 -19.19 -16.20
C ARG A 361 17.00 -19.72 -14.79
N SER A 362 15.95 -19.90 -13.98
CA SER A 362 16.12 -20.52 -12.67
C SER A 362 16.01 -22.03 -12.78
N LEU A 363 15.10 -22.48 -13.64
CA LEU A 363 14.87 -23.90 -13.89
C LEU A 363 16.02 -24.53 -14.69
N GLN A 364 16.65 -23.75 -15.56
CA GLN A 364 17.82 -24.22 -16.29
C GLN A 364 19.05 -24.20 -15.38
N SER A 365 18.99 -23.38 -14.34
CA SER A 365 20.10 -23.22 -13.41
C SER A 365 20.21 -24.38 -12.44
N LYS A 366 19.18 -25.22 -12.36
CA LYS A 366 19.20 -26.32 -11.41
C LYS A 366 18.57 -27.63 -11.88
N HIS A 367 17.82 -27.60 -12.98
CA HIS A 367 17.09 -28.79 -13.42
C HIS A 367 17.41 -29.30 -14.83
N SER A 368 18.40 -28.68 -15.49
CA SER A 368 18.90 -29.21 -16.77
C SER A 368 19.66 -30.51 -16.50
N ARG A 369 19.84 -31.33 -17.52
CA ARG A 369 20.61 -32.57 -17.36
C ARG A 369 22.08 -32.27 -17.03
N GLU A 370 22.52 -31.06 -17.36
CA GLU A 370 23.91 -30.65 -17.19
C GLU A 370 24.15 -29.91 -15.87
N SER A 371 23.11 -29.86 -15.03
CA SER A 371 23.13 -29.02 -13.82
C SER A 371 24.08 -29.48 -12.71
N ASP A 372 23.92 -30.72 -12.24
CA ASP A 372 24.79 -31.25 -11.18
C ASP A 372 26.06 -31.88 -11.76
N ILE A 373 26.13 -31.98 -13.08
CA ILE A 373 27.29 -32.50 -13.78
C ILE A 373 28.47 -31.52 -13.71
N PRO A 374 29.63 -31.99 -13.21
CA PRO A 374 30.84 -31.18 -13.06
C PRO A 374 31.33 -30.54 -14.36
N ALA A 375 32.19 -29.53 -14.23
CA ALA A 375 32.68 -28.75 -15.37
C ALA A 375 33.57 -29.54 -16.33
N SER A 376 34.42 -30.40 -15.78
CA SER A 376 35.40 -31.15 -16.56
C SER A 376 34.78 -32.28 -17.40
N VAL A 377 33.57 -32.70 -17.05
CA VAL A 377 32.89 -33.79 -17.74
C VAL A 377 32.57 -33.46 -19.21
N PRO B 17 11.71 -1.85 -38.70
CA PRO B 17 11.14 -1.25 -39.90
C PRO B 17 10.30 -0.01 -39.55
N VAL B 18 9.67 0.59 -40.57
CA VAL B 18 8.91 1.83 -40.37
C VAL B 18 7.45 1.60 -39.98
N TRP B 19 6.96 0.37 -40.18
CA TRP B 19 5.61 0.00 -39.73
C TRP B 19 5.60 -0.25 -38.22
N SER B 20 6.79 -0.33 -37.64
CA SER B 20 6.98 -0.69 -36.24
C SER B 20 6.65 0.45 -35.28
N GLU B 21 5.83 0.14 -34.27
CA GLU B 21 5.47 1.09 -33.23
C GLU B 21 6.41 0.95 -32.04
N PRO B 22 7.07 2.05 -31.64
CA PRO B 22 8.03 2.00 -30.54
C PRO B 22 7.36 1.95 -29.17
N LEU B 23 6.07 2.24 -29.09
CA LEU B 23 5.34 2.26 -27.83
C LEU B 23 4.54 1.00 -27.60
N TYR B 24 4.82 0.33 -26.48
CA TYR B 24 4.25 -0.99 -26.18
C TYR B 24 2.73 -0.98 -26.07
N SER B 25 2.18 0.12 -25.57
CA SER B 25 0.74 0.23 -25.34
C SER B 25 -0.04 0.54 -26.62
N LEU B 26 0.65 0.95 -27.67
CA LEU B 26 -0.02 1.32 -28.92
C LEU B 26 0.05 0.21 -29.98
N ARG B 27 0.89 -0.79 -29.73
CA ARG B 27 1.06 -1.90 -30.67
C ARG B 27 -0.27 -2.63 -30.93
N PRO B 28 -0.48 -3.09 -32.16
CA PRO B 28 -1.71 -3.80 -32.49
C PRO B 28 -1.98 -4.99 -31.58
N GLU B 29 -0.96 -5.80 -31.31
CA GLU B 29 -1.13 -7.00 -30.48
C GLU B 29 -1.74 -6.62 -29.13
N HIS B 30 -1.31 -5.47 -28.60
CA HIS B 30 -1.74 -5.02 -27.29
C HIS B 30 -3.25 -5.04 -27.11
N ALA B 31 -3.98 -4.98 -28.22
CA ALA B 31 -5.45 -4.98 -28.18
C ALA B 31 -6.03 -6.29 -27.64
N ARG B 32 -5.29 -7.38 -27.81
CA ARG B 32 -5.73 -8.68 -27.34
C ARG B 32 -5.59 -8.79 -25.82
N GLU B 33 -4.89 -7.83 -25.22
CA GLU B 33 -4.70 -7.81 -23.78
C GLU B 33 -5.86 -7.19 -23.00
N ARG B 34 -6.95 -6.89 -23.70
CA ARG B 34 -8.17 -6.42 -23.06
C ARG B 34 -8.78 -7.51 -22.20
N LEU B 35 -9.62 -7.11 -21.25
CA LEU B 35 -10.28 -8.03 -20.35
C LEU B 35 -11.16 -9.02 -21.08
N GLN B 36 -11.03 -10.30 -20.73
CA GLN B 36 -11.99 -11.31 -21.18
C GLN B 36 -12.87 -11.65 -20.00
N ASP B 37 -14.12 -11.24 -20.05
CA ASP B 37 -15.03 -11.47 -18.94
C ASP B 37 -15.74 -12.82 -19.03
N ASP B 38 -15.40 -13.60 -20.05
CA ASP B 38 -16.02 -14.91 -20.27
C ASP B 38 -17.55 -14.84 -20.28
N SER B 39 -18.09 -13.69 -20.67
CA SER B 39 -19.54 -13.46 -20.72
C SER B 39 -20.23 -13.58 -19.36
N VAL B 40 -19.44 -13.73 -18.31
CA VAL B 40 -19.95 -13.66 -16.95
C VAL B 40 -19.64 -12.28 -16.36
N GLU B 41 -20.67 -11.47 -16.14
CA GLU B 41 -20.49 -10.10 -15.67
C GLU B 41 -20.73 -9.96 -14.18
N THR B 42 -19.76 -9.35 -13.50
CA THR B 42 -19.89 -9.00 -12.09
C THR B 42 -19.44 -7.57 -11.91
N VAL B 43 -19.59 -7.04 -10.70
CA VAL B 43 -19.18 -5.67 -10.42
C VAL B 43 -17.69 -5.45 -10.72
N THR B 44 -16.87 -6.48 -10.47
CA THR B 44 -15.44 -6.40 -10.73
C THR B 44 -15.11 -6.29 -12.22
N SER B 45 -15.78 -7.08 -13.04
CA SER B 45 -15.51 -7.05 -14.48
C SER B 45 -16.01 -5.77 -15.15
N ILE B 46 -17.17 -5.29 -14.71
CA ILE B 46 -17.76 -4.08 -15.25
C ILE B 46 -16.87 -2.87 -14.97
N GLU B 47 -16.40 -2.77 -13.73
CA GLU B 47 -15.57 -1.65 -13.30
C GLU B 47 -14.20 -1.66 -13.96
N GLN B 48 -13.68 -2.86 -14.21
CA GLN B 48 -12.39 -3.01 -14.86
C GLN B 48 -12.50 -2.72 -16.35
N ALA B 49 -13.67 -3.03 -16.91
CA ALA B 49 -13.95 -2.73 -18.32
C ALA B 49 -14.06 -1.23 -18.54
N LYS B 50 -14.63 -0.53 -17.57
CA LYS B 50 -14.76 0.93 -17.66
C LYS B 50 -13.39 1.61 -17.73
N VAL B 51 -12.49 1.22 -16.84
CA VAL B 51 -11.14 1.80 -16.81
C VAL B 51 -10.41 1.47 -18.11
N GLU B 52 -10.48 0.21 -18.52
CA GLU B 52 -9.83 -0.22 -19.75
C GLU B 52 -10.28 0.59 -20.96
N GLU B 53 -11.56 0.94 -20.99
CA GLU B 53 -12.10 1.75 -22.07
C GLU B 53 -11.54 3.17 -21.98
N LYS B 54 -11.48 3.69 -20.77
CA LYS B 54 -10.95 5.03 -20.53
C LYS B 54 -9.46 5.09 -20.88
N ILE B 55 -8.73 4.02 -20.59
CA ILE B 55 -7.31 3.97 -20.88
C ILE B 55 -7.08 3.80 -22.39
N GLN B 56 -7.96 3.04 -23.04
CA GLN B 56 -7.87 2.84 -24.48
C GLN B 56 -7.96 4.17 -25.24
N GLU B 57 -8.96 4.98 -24.89
CA GLU B 57 -9.11 6.31 -25.49
C GLU B 57 -7.82 7.11 -25.42
N VAL B 58 -7.16 7.08 -24.26
CA VAL B 58 -5.89 7.80 -24.09
C VAL B 58 -4.80 7.22 -25.00
N PHE B 59 -4.80 5.90 -25.16
CA PHE B 59 -3.78 5.26 -25.98
C PHE B 59 -3.94 5.55 -27.48
N SER B 60 -5.14 5.32 -28.01
CA SER B 60 -5.38 5.54 -29.44
C SER B 60 -5.77 6.98 -29.76
N SER B 61 -5.52 7.89 -28.83
CA SER B 61 -5.81 9.31 -29.03
C SER B 61 -4.90 9.92 -30.08
N TYR B 62 -3.75 9.29 -30.31
CA TYR B 62 -2.76 9.81 -31.26
C TYR B 62 -3.13 9.46 -32.70
N LYS B 63 -3.65 8.25 -32.88
CA LYS B 63 -4.07 7.77 -34.19
C LYS B 63 -5.28 8.57 -34.63
N PHE B 64 -6.19 8.77 -33.69
CA PHE B 64 -7.39 9.51 -34.01
C PHE B 64 -7.07 10.95 -34.40
N ASN B 65 -6.25 11.62 -33.60
CA ASN B 65 -5.92 13.01 -33.90
C ASN B 65 -4.91 13.15 -35.02
N HIS B 66 -4.36 12.03 -35.46
CA HIS B 66 -3.38 11.98 -36.55
C HIS B 66 -2.10 12.74 -36.24
N LEU B 67 -1.51 12.43 -35.09
CA LEU B 67 -0.26 13.07 -34.66
C LEU B 67 0.75 12.00 -34.29
N VAL B 68 2.04 12.37 -34.28
CA VAL B 68 3.09 11.45 -33.84
C VAL B 68 3.18 11.46 -32.32
N PRO B 69 3.08 10.27 -31.70
CA PRO B 69 3.16 10.15 -30.23
C PRO B 69 4.53 10.58 -29.68
N ARG B 70 4.53 11.48 -28.71
CA ARG B 70 5.74 11.81 -27.96
C ARG B 70 5.44 11.85 -26.46
N LEU B 71 6.32 11.26 -25.66
CA LEU B 71 6.11 11.18 -24.21
C LEU B 71 6.92 12.19 -23.44
N VAL B 72 6.25 13.26 -23.00
CA VAL B 72 6.92 14.32 -22.27
C VAL B 72 6.49 14.36 -20.81
N LEU B 73 7.45 14.31 -19.90
CA LEU B 73 7.16 14.58 -18.50
C LEU B 73 7.13 16.09 -18.31
N GLN B 74 5.95 16.61 -17.97
CA GLN B 74 5.74 18.04 -17.80
C GLN B 74 6.47 18.58 -16.57
N ARG B 75 7.79 18.56 -16.63
CA ARG B 75 8.66 18.95 -15.52
C ARG B 75 8.33 20.33 -14.95
N GLU B 76 8.19 21.33 -15.82
CA GLU B 76 7.99 22.70 -15.36
C GLU B 76 6.60 22.90 -14.75
N LYS B 77 5.58 22.31 -15.38
CA LYS B 77 4.22 22.33 -14.83
C LYS B 77 4.17 21.73 -13.42
N HIS B 78 4.77 20.55 -13.26
CA HIS B 78 4.80 19.85 -11.97
C HIS B 78 5.55 20.69 -10.94
N PHE B 79 6.66 21.27 -11.36
CA PHE B 79 7.47 22.10 -10.49
C PHE B 79 6.69 23.28 -9.90
N HIS B 80 5.92 23.95 -10.75
CA HIS B 80 5.14 25.10 -10.30
C HIS B 80 4.11 24.66 -9.27
N TYR B 81 3.42 23.56 -9.57
CA TYR B 81 2.46 22.94 -8.66
C TYR B 81 3.09 22.64 -7.30
N LEU B 82 4.29 22.07 -7.34
CA LEU B 82 5.00 21.69 -6.12
C LEU B 82 5.57 22.88 -5.35
N LYS B 83 6.25 23.76 -6.07
CA LYS B 83 6.83 24.98 -5.50
C LYS B 83 5.78 25.75 -4.69
N ARG B 84 4.58 25.84 -5.23
CA ARG B 84 3.49 26.57 -4.60
C ARG B 84 2.92 25.83 -3.38
N GLY B 85 2.46 24.59 -3.59
CA GLY B 85 1.91 23.79 -2.50
C GLY B 85 2.82 23.67 -1.29
N LEU B 86 4.12 23.76 -1.51
CA LEU B 86 5.09 23.70 -0.41
C LEU B 86 4.90 24.87 0.55
N ARG B 87 4.23 25.92 0.08
CA ARG B 87 4.03 27.12 0.87
C ARG B 87 2.58 27.27 1.30
N GLN B 88 1.66 26.98 0.40
CA GLN B 88 0.27 27.29 0.66
C GLN B 88 -0.69 26.31 -0.02
N LEU B 89 -1.74 25.94 0.70
CA LEU B 89 -2.70 24.98 0.18
C LEU B 89 -4.11 25.51 0.40
N THR B 90 -5.01 25.20 -0.53
CA THR B 90 -6.41 25.61 -0.39
C THR B 90 -7.14 24.79 0.67
N ASP B 91 -8.38 25.15 0.96
CA ASP B 91 -9.13 24.47 1.99
C ASP B 91 -9.48 23.04 1.56
N ALA B 92 -9.06 22.66 0.37
CA ALA B 92 -9.23 21.28 -0.09
C ALA B 92 -8.37 20.32 0.74
N TYR B 93 -7.27 20.83 1.28
CA TYR B 93 -6.36 20.02 2.08
C TYR B 93 -6.67 20.14 3.57
N GLU B 94 -7.94 20.42 3.90
CA GLU B 94 -8.39 20.42 5.29
C GLU B 94 -8.42 18.98 5.82
N CYS B 95 -8.71 18.04 4.92
CA CYS B 95 -8.72 16.63 5.27
C CYS B 95 -7.30 16.08 5.48
N LEU B 96 -6.29 16.91 5.28
CA LEU B 96 -4.91 16.50 5.52
C LEU B 96 -4.26 17.41 6.57
N ASP B 97 -5.11 18.09 7.34
CA ASP B 97 -4.63 18.91 8.45
C ASP B 97 -3.92 18.09 9.54
N ALA B 98 -4.16 16.79 9.59
CA ALA B 98 -3.43 15.96 10.55
C ALA B 98 -2.32 15.17 9.87
N SER B 99 -1.95 15.61 8.67
CA SER B 99 -0.89 14.94 7.93
C SER B 99 0.05 15.94 7.27
N ARG B 100 0.41 17.00 7.98
CA ARG B 100 1.18 18.07 7.35
C ARG B 100 2.64 17.75 7.05
N PRO B 101 3.29 16.97 7.92
CA PRO B 101 4.63 16.48 7.57
C PRO B 101 4.62 15.62 6.30
N TRP B 102 3.53 14.90 6.05
CA TRP B 102 3.41 14.13 4.82
C TRP B 102 3.46 15.07 3.63
N LEU B 103 2.78 16.21 3.78
CA LEU B 103 2.77 17.22 2.74
C LEU B 103 4.18 17.73 2.49
N CYS B 104 4.94 17.94 3.56
CA CYS B 104 6.34 18.32 3.40
C CYS B 104 7.08 17.25 2.62
N TYR B 105 7.02 16.01 3.11
CA TYR B 105 7.72 14.90 2.48
C TYR B 105 7.32 14.69 1.01
N TRP B 106 6.02 14.56 0.74
CA TRP B 106 5.55 14.33 -0.64
C TRP B 106 6.09 15.35 -1.62
N ILE B 107 6.10 16.61 -1.20
CA ILE B 107 6.50 17.72 -2.04
C ILE B 107 8.02 17.81 -2.18
N LEU B 108 8.72 17.82 -1.04
CA LEU B 108 10.19 17.83 -1.05
C LEU B 108 10.76 16.66 -1.86
N HIS B 109 10.20 15.47 -1.69
CA HIS B 109 10.70 14.31 -2.41
C HIS B 109 10.43 14.44 -3.90
N SER B 110 9.27 15.02 -4.24
CA SER B 110 8.91 15.24 -5.64
C SER B 110 9.88 16.23 -6.27
N LEU B 111 10.18 17.32 -5.55
CA LEU B 111 11.15 18.30 -6.02
C LEU B 111 12.51 17.64 -6.24
N GLU B 112 12.89 16.77 -5.32
CA GLU B 112 14.18 16.07 -5.36
C GLU B 112 14.28 15.13 -6.56
N LEU B 113 13.19 14.46 -6.90
CA LEU B 113 13.14 13.59 -8.06
C LEU B 113 13.24 14.37 -9.37
N LEU B 114 12.61 15.53 -9.40
CA LEU B 114 12.66 16.38 -10.57
C LEU B 114 13.97 17.16 -10.60
N ASP B 115 14.73 17.03 -9.51
CA ASP B 115 16.05 17.66 -9.37
C ASP B 115 15.96 19.18 -9.29
N GLU B 116 15.29 19.68 -8.26
CA GLU B 116 15.14 21.10 -8.06
C GLU B 116 15.75 21.49 -6.72
N PRO B 117 16.60 22.52 -6.73
CA PRO B 117 17.23 22.95 -5.49
C PRO B 117 16.20 23.37 -4.45
N ILE B 118 16.47 23.06 -3.20
CA ILE B 118 15.63 23.47 -2.10
C ILE B 118 16.29 24.66 -1.44
N PRO B 119 15.78 25.88 -1.71
CA PRO B 119 16.33 27.10 -1.13
C PRO B 119 16.52 26.96 0.37
N GLN B 120 17.66 27.45 0.87
CA GLN B 120 17.96 27.34 2.29
C GLN B 120 17.04 28.20 3.16
N ILE B 121 16.23 29.03 2.51
CA ILE B 121 15.18 29.77 3.19
C ILE B 121 14.00 28.83 3.47
N VAL B 122 13.65 28.05 2.45
CA VAL B 122 12.60 27.04 2.56
C VAL B 122 13.06 25.93 3.50
N ALA B 123 14.28 25.46 3.30
CA ALA B 123 14.86 24.41 4.14
C ALA B 123 14.75 24.76 5.63
N THR B 124 15.05 25.98 6.00
CA THR B 124 15.01 26.36 7.41
C THR B 124 13.57 26.54 7.93
N ASP B 125 12.65 26.91 7.04
CA ASP B 125 11.24 27.05 7.41
C ASP B 125 10.62 25.68 7.63
N VAL B 126 10.93 24.73 6.74
CA VAL B 126 10.47 23.38 6.89
C VAL B 126 10.97 22.83 8.22
N CYS B 127 12.25 23.07 8.48
CA CYS B 127 12.85 22.68 9.75
C CYS B 127 12.08 23.24 10.92
N GLN B 128 11.91 24.56 10.94
CA GLN B 128 11.20 25.20 12.05
C GLN B 128 9.78 24.65 12.21
N PHE B 129 9.10 24.43 11.09
CA PHE B 129 7.73 23.93 11.14
C PHE B 129 7.66 22.52 11.72
N LEU B 130 8.54 21.63 11.24
CA LEU B 130 8.60 20.28 11.75
C LEU B 130 8.98 20.25 13.23
N GLU B 131 9.74 21.23 13.68
CA GLU B 131 10.09 21.32 15.10
C GLU B 131 8.87 21.60 15.95
N LEU B 132 7.93 22.35 15.39
CA LEU B 132 6.70 22.68 16.10
C LEU B 132 5.78 21.47 16.15
N CYS B 133 5.97 20.56 15.19
CA CYS B 133 5.15 19.36 15.12
C CYS B 133 5.67 18.29 16.08
N GLN B 134 6.93 18.42 16.47
CA GLN B 134 7.57 17.40 17.29
C GLN B 134 7.05 17.42 18.72
N SER B 135 6.69 16.25 19.23
CA SER B 135 6.14 16.12 20.57
C SER B 135 7.23 16.21 21.63
N PRO B 136 6.93 16.84 22.78
CA PRO B 136 7.87 16.81 23.90
C PRO B 136 8.15 15.37 24.32
N ASP B 137 7.19 14.49 24.08
CA ASP B 137 7.33 13.09 24.45
C ASP B 137 7.97 12.24 23.35
N GLY B 138 8.37 12.89 22.26
CA GLY B 138 9.07 12.21 21.17
C GLY B 138 8.17 11.96 19.99
N GLY B 139 8.78 11.85 18.81
CA GLY B 139 8.01 11.67 17.60
C GLY B 139 7.41 12.97 17.11
N PHE B 140 6.69 12.91 15.99
CA PHE B 140 6.09 14.09 15.40
C PHE B 140 4.58 13.96 15.30
N GLY B 141 3.88 15.09 15.36
CA GLY B 141 2.43 15.08 15.16
C GLY B 141 2.07 15.51 13.75
N GLY B 142 0.77 15.51 13.46
CA GLY B 142 0.29 15.86 12.12
C GLY B 142 0.36 17.37 11.91
N GLY B 143 0.63 18.07 12.99
CA GLY B 143 0.76 19.50 12.99
C GLY B 143 1.06 19.98 14.40
N PRO B 144 1.30 21.28 14.57
CA PRO B 144 1.69 21.85 15.86
C PRO B 144 0.68 21.48 16.93
N GLY B 145 1.17 20.92 18.04
CA GLY B 145 0.31 20.62 19.18
C GLY B 145 -0.49 19.33 19.07
N GLN B 146 -0.40 18.64 17.94
CA GLN B 146 -1.07 17.35 17.83
C GLN B 146 -0.24 16.25 18.47
N TYR B 147 -0.89 15.19 18.92
CA TYR B 147 -0.18 14.07 19.54
C TYR B 147 0.72 13.40 18.50
N PRO B 148 1.83 12.81 18.96
CA PRO B 148 2.74 12.12 18.04
C PRO B 148 2.10 10.89 17.40
N HIS B 149 2.50 10.57 16.18
CA HIS B 149 1.92 9.49 15.40
C HIS B 149 3.03 8.99 14.51
N LEU B 150 3.06 7.69 14.22
CA LEU B 150 4.18 7.10 13.47
C LEU B 150 4.23 7.43 11.98
N ALA B 151 3.09 7.81 11.40
CA ALA B 151 3.08 8.14 9.98
C ALA B 151 3.74 9.49 9.72
N PRO B 152 3.32 10.53 10.47
CA PRO B 152 3.99 11.83 10.28
C PRO B 152 5.40 11.87 10.88
N THR B 153 5.72 10.95 11.80
CA THR B 153 7.09 10.83 12.28
C THR B 153 7.99 10.27 11.19
N TYR B 154 7.49 9.28 10.46
CA TYR B 154 8.19 8.76 9.30
C TYR B 154 8.34 9.84 8.23
N ALA B 155 7.30 10.67 8.11
CA ALA B 155 7.28 11.70 7.07
C ALA B 155 8.22 12.86 7.42
N ALA B 156 8.22 13.23 8.70
CA ALA B 156 9.08 14.30 9.17
C ALA B 156 10.56 13.93 8.98
N VAL B 157 10.93 12.79 9.54
CA VAL B 157 12.29 12.32 9.47
C VAL B 157 12.74 12.23 8.02
N ASN B 158 11.95 11.59 7.16
CA ASN B 158 12.28 11.54 5.74
C ASN B 158 12.51 12.91 5.11
N ALA B 159 11.63 13.85 5.44
CA ALA B 159 11.74 15.20 4.91
C ALA B 159 13.03 15.87 5.37
N LEU B 160 13.30 15.80 6.67
CA LEU B 160 14.50 16.40 7.24
C LEU B 160 15.78 15.83 6.61
N CYS B 161 15.73 14.55 6.26
CA CYS B 161 16.87 13.89 5.63
C CYS B 161 17.07 14.33 4.19
N ILE B 162 15.97 14.64 3.51
CA ILE B 162 16.07 15.14 2.14
C ILE B 162 16.75 16.50 2.18
N ILE B 163 16.41 17.29 3.18
CA ILE B 163 17.07 18.57 3.40
C ILE B 163 18.52 18.36 3.78
N GLY B 164 18.77 17.40 4.67
CA GLY B 164 20.13 16.91 4.91
C GLY B 164 21.15 17.84 5.54
N THR B 165 20.71 19.02 5.97
CA THR B 165 21.61 19.98 6.61
C THR B 165 21.82 19.59 8.07
N GLU B 166 22.75 20.28 8.72
CA GLU B 166 22.98 20.07 10.15
C GLU B 166 21.77 20.54 10.94
N GLU B 167 21.13 21.60 10.43
CA GLU B 167 19.96 22.16 11.09
C GLU B 167 18.85 21.13 11.10
N ALA B 168 18.61 20.51 9.94
CA ALA B 168 17.61 19.49 9.78
C ALA B 168 17.85 18.31 10.71
N TYR B 169 19.06 17.75 10.67
CA TYR B 169 19.41 16.61 11.49
C TYR B 169 19.18 16.88 12.98
N ASN B 170 19.44 18.10 13.43
CA ASN B 170 19.40 18.40 14.86
C ASN B 170 18.00 18.62 15.40
N VAL B 171 17.05 18.80 14.49
CA VAL B 171 15.64 18.92 14.83
C VAL B 171 15.19 17.69 15.62
N ILE B 172 15.53 16.52 15.11
CA ILE B 172 15.13 15.26 15.69
C ILE B 172 15.70 15.07 17.09
N ASN B 173 14.82 14.83 18.06
CA ASN B 173 15.24 14.49 19.40
C ASN B 173 15.32 12.97 19.52
N ARG B 174 16.54 12.45 19.43
CA ARG B 174 16.73 10.99 19.37
C ARG B 174 16.37 10.23 20.64
N GLU B 175 16.66 10.78 21.81
CA GLU B 175 16.29 10.09 23.06
C GLU B 175 14.78 9.91 23.13
N LYS B 176 14.05 10.99 22.84
CA LYS B 176 12.62 10.99 22.96
C LYS B 176 11.96 10.17 21.85
N LEU B 177 12.57 10.18 20.67
CA LEU B 177 12.08 9.35 19.57
C LEU B 177 12.10 7.89 19.98
N LEU B 178 13.21 7.44 20.55
CA LEU B 178 13.36 6.06 20.99
C LEU B 178 12.38 5.73 22.12
N GLN B 179 12.25 6.63 23.08
CA GLN B 179 11.26 6.44 24.14
C GLN B 179 9.87 6.24 23.55
N TYR B 180 9.52 7.10 22.59
CA TYR B 180 8.23 7.04 21.93
C TYR B 180 7.98 5.70 21.23
N LEU B 181 8.98 5.22 20.47
CA LEU B 181 8.86 3.94 19.78
C LEU B 181 8.61 2.81 20.78
N TYR B 182 9.33 2.84 21.90
CA TYR B 182 9.14 1.86 22.95
C TYR B 182 7.72 1.89 23.49
N SER B 183 7.20 3.08 23.75
CA SER B 183 5.87 3.21 24.32
C SER B 183 4.77 2.69 23.38
N LEU B 184 5.17 2.32 22.16
CA LEU B 184 4.22 1.82 21.17
C LEU B 184 4.38 0.33 20.88
N LYS B 185 5.54 -0.21 21.25
CA LYS B 185 5.88 -1.61 21.05
C LYS B 185 4.90 -2.57 21.75
N GLN B 186 4.41 -3.56 21.01
CA GLN B 186 3.52 -4.56 21.59
C GLN B 186 4.26 -5.86 21.90
N PRO B 187 3.73 -6.65 22.83
CA PRO B 187 4.32 -7.94 23.17
C PRO B 187 4.49 -8.88 21.98
N ASP B 188 3.57 -8.85 21.02
CA ASP B 188 3.63 -9.77 19.89
C ASP B 188 4.57 -9.32 18.76
N GLY B 189 5.29 -8.23 18.97
CA GLY B 189 6.25 -7.74 17.99
C GLY B 189 5.78 -6.56 17.15
N SER B 190 4.47 -6.30 17.17
CA SER B 190 3.91 -5.17 16.42
C SER B 190 4.03 -3.87 17.21
N PHE B 191 3.65 -2.77 16.56
CA PHE B 191 3.67 -1.45 17.17
C PHE B 191 2.30 -0.78 16.99
N LEU B 192 1.91 0.06 17.92
CA LEU B 192 0.76 0.92 17.68
C LEU B 192 1.16 2.04 16.71
N MET B 193 0.18 2.63 16.02
CA MET B 193 0.46 3.77 15.16
C MET B 193 0.72 5.02 16.00
N HIS B 194 -0.05 5.12 17.08
CA HIS B 194 0.10 6.16 18.08
C HIS B 194 -0.55 5.65 19.36
N VAL B 195 -0.40 6.39 20.44
CA VAL B 195 -0.94 5.96 21.71
C VAL B 195 -2.45 5.85 21.62
N GLY B 196 -2.98 4.69 21.99
CA GLY B 196 -4.40 4.45 21.93
C GLY B 196 -4.88 4.22 20.53
N GLY B 197 -3.95 4.01 19.59
CA GLY B 197 -4.29 3.91 18.17
C GLY B 197 -4.30 2.49 17.61
N GLU B 198 -4.52 2.37 16.32
CA GLU B 198 -4.63 1.06 15.68
C GLU B 198 -3.26 0.41 15.45
N VAL B 199 -3.27 -0.89 15.13
CA VAL B 199 -2.07 -1.62 14.79
C VAL B 199 -2.17 -2.23 13.39
N ASP B 200 -1.16 -1.99 12.57
CA ASP B 200 -0.98 -2.74 11.33
C ASP B 200 0.47 -2.57 10.89
N VAL B 201 0.80 -3.17 9.76
CA VAL B 201 2.20 -3.27 9.34
C VAL B 201 2.89 -1.94 8.98
N ARG B 202 2.11 -0.89 8.79
CA ARG B 202 2.67 0.44 8.53
C ARG B 202 3.57 0.86 9.70
N SER B 203 3.14 0.54 10.92
CA SER B 203 3.85 0.97 12.11
C SER B 203 5.24 0.37 12.14
N ALA B 204 5.32 -0.93 11.81
CA ALA B 204 6.60 -1.63 11.72
C ALA B 204 7.58 -0.89 10.83
N TYR B 205 7.14 -0.60 9.61
CA TYR B 205 7.98 0.06 8.62
C TYR B 205 8.37 1.48 9.04
N CYS B 206 7.40 2.25 9.52
CA CYS B 206 7.66 3.59 10.02
C CYS B 206 8.65 3.59 11.15
N ALA B 207 8.46 2.70 12.12
CA ALA B 207 9.37 2.56 13.24
C ALA B 207 10.78 2.21 12.75
N ALA B 208 10.84 1.26 11.84
CA ALA B 208 12.12 0.77 11.34
C ALA B 208 12.83 1.83 10.50
N SER B 209 12.04 2.57 9.71
CA SER B 209 12.60 3.58 8.83
C SER B 209 13.30 4.68 9.60
N VAL B 210 12.64 5.20 10.62
CA VAL B 210 13.20 6.30 11.38
C VAL B 210 14.28 5.86 12.36
N ALA B 211 14.11 4.66 12.91
CA ALA B 211 15.07 4.13 13.88
C ALA B 211 16.42 3.82 13.24
N SER B 212 16.40 3.29 12.02
CA SER B 212 17.64 2.91 11.36
C SER B 212 18.37 4.14 10.82
N LEU B 213 17.62 5.11 10.31
CA LEU B 213 18.23 6.34 9.81
C LEU B 213 18.90 7.13 10.93
N THR B 214 18.23 7.23 12.08
CA THR B 214 18.77 8.02 13.18
C THR B 214 19.66 7.21 14.11
N ASN B 215 19.94 5.97 13.70
CA ASN B 215 20.80 5.09 14.48
C ASN B 215 20.33 5.01 15.95
N ILE B 216 19.11 4.53 16.15
CA ILE B 216 18.58 4.41 17.50
C ILE B 216 18.10 2.99 17.81
N ILE B 217 18.37 2.05 16.91
CA ILE B 217 17.93 0.68 17.11
C ILE B 217 18.69 0.00 18.25
N THR B 218 17.99 -0.32 19.34
CA THR B 218 18.57 -1.11 20.41
C THR B 218 18.39 -2.59 20.04
N PRO B 219 19.19 -3.47 20.67
CA PRO B 219 19.10 -4.93 20.45
C PRO B 219 17.67 -5.50 20.58
N ASP B 220 16.86 -4.91 21.46
CA ASP B 220 15.54 -5.48 21.77
C ASP B 220 14.34 -4.72 21.17
N LEU B 221 14.60 -3.53 20.61
CA LEU B 221 13.53 -2.71 20.02
C LEU B 221 12.61 -3.50 19.09
N PHE B 222 13.20 -4.27 18.19
CA PHE B 222 12.43 -5.03 17.21
C PHE B 222 12.37 -6.53 17.49
N GLU B 223 12.29 -6.87 18.76
CA GLU B 223 12.20 -8.27 19.18
C GLU B 223 10.83 -8.80 18.80
N GLY B 224 10.80 -9.82 17.95
CA GLY B 224 9.55 -10.44 17.55
C GLY B 224 8.89 -9.71 16.39
N THR B 225 9.40 -8.53 16.06
CA THR B 225 8.84 -7.71 15.00
C THR B 225 8.88 -8.40 13.65
N ALA B 226 10.01 -9.02 13.33
CA ALA B 226 10.16 -9.69 12.03
C ALA B 226 9.23 -10.88 11.93
N GLU B 227 8.95 -11.52 13.06
CA GLU B 227 8.08 -12.68 13.06
C GLU B 227 6.64 -12.26 12.88
N TRP B 228 6.27 -11.17 13.53
CA TRP B 228 4.95 -10.60 13.32
C TRP B 228 4.74 -10.18 11.87
N ILE B 229 5.74 -9.58 11.24
CA ILE B 229 5.60 -9.19 9.84
C ILE B 229 5.44 -10.43 8.98
N ALA B 230 6.15 -11.49 9.34
CA ALA B 230 6.08 -12.75 8.59
C ALA B 230 4.69 -13.37 8.69
N ARG B 231 4.01 -13.18 9.83
CA ARG B 231 2.66 -13.69 10.01
C ARG B 231 1.68 -12.96 9.09
N CYS B 232 2.10 -11.80 8.60
CA CYS B 232 1.22 -10.99 7.76
C CYS B 232 1.18 -11.46 6.31
N GLN B 233 2.18 -12.25 5.92
CA GLN B 233 2.17 -12.86 4.59
C GLN B 233 1.09 -13.94 4.55
N ASN B 234 0.23 -13.89 3.54
CA ASN B 234 -0.87 -14.83 3.45
C ASN B 234 -0.76 -15.82 2.29
N TRP B 235 -1.83 -16.57 2.05
CA TRP B 235 -1.88 -17.58 1.00
C TRP B 235 -1.71 -17.01 -0.41
N GLU B 236 -1.72 -15.69 -0.55
CA GLU B 236 -1.62 -15.05 -1.86
C GLU B 236 -0.18 -14.84 -2.29
N GLY B 237 0.72 -14.90 -1.31
CA GLY B 237 2.11 -14.60 -1.55
C GLY B 237 2.44 -13.22 -1.00
N GLY B 238 1.45 -12.33 -1.04
CA GLY B 238 1.64 -10.96 -0.59
C GLY B 238 1.44 -10.80 0.90
N ILE B 239 1.54 -9.57 1.37
CA ILE B 239 1.37 -9.25 2.78
C ILE B 239 0.12 -8.41 3.00
N GLY B 240 -0.62 -8.71 4.06
CA GLY B 240 -1.83 -7.98 4.43
C GLY B 240 -1.55 -7.07 5.62
N GLY B 241 -2.51 -6.22 5.96
CA GLY B 241 -2.32 -5.25 7.04
C GLY B 241 -1.97 -5.87 8.38
N VAL B 242 -2.80 -6.82 8.81
CA VAL B 242 -2.52 -7.66 9.97
C VAL B 242 -2.73 -9.12 9.55
N PRO B 243 -2.26 -10.08 10.38
CA PRO B 243 -2.37 -11.49 10.01
C PRO B 243 -3.78 -11.88 9.63
N GLY B 244 -3.96 -12.53 8.49
CA GLY B 244 -5.29 -12.98 8.07
C GLY B 244 -5.93 -12.12 6.99
N MET B 245 -5.38 -10.92 6.78
CA MET B 245 -5.98 -9.98 5.83
C MET B 245 -5.45 -10.11 4.40
N GLU B 246 -6.20 -9.56 3.47
CA GLU B 246 -5.90 -9.67 2.05
C GLU B 246 -4.58 -9.02 1.73
N ALA B 247 -3.85 -9.60 0.78
CA ALA B 247 -2.55 -9.06 0.40
C ALA B 247 -2.75 -7.68 -0.22
N HIS B 248 -1.96 -6.70 0.18
CA HIS B 248 -2.07 -5.37 -0.38
C HIS B 248 -0.73 -4.73 -0.59
N GLY B 249 -0.60 -4.05 -1.73
CA GLY B 249 0.67 -3.44 -2.13
C GLY B 249 1.32 -2.54 -1.10
N GLY B 250 0.57 -1.61 -0.53
CA GLY B 250 1.14 -0.67 0.42
C GLY B 250 1.63 -1.36 1.66
N TYR B 251 0.88 -2.36 2.11
CA TYR B 251 1.26 -3.14 3.28
C TYR B 251 2.42 -4.06 2.96
N THR B 252 2.41 -4.63 1.75
CA THR B 252 3.48 -5.51 1.34
C THR B 252 4.80 -4.74 1.27
N PHE B 253 4.76 -3.56 0.69
CA PHE B 253 5.95 -2.75 0.63
C PHE B 253 6.47 -2.49 2.04
N CYS B 254 5.57 -2.08 2.93
CA CYS B 254 5.94 -1.75 4.30
C CYS B 254 6.62 -2.91 4.98
N GLY B 255 6.04 -4.10 4.81
CA GLY B 255 6.57 -5.32 5.43
C GLY B 255 7.92 -5.70 4.88
N LEU B 256 8.00 -5.83 3.56
CA LEU B 256 9.25 -6.22 2.91
C LEU B 256 10.34 -5.20 3.23
N ALA B 257 10.01 -3.92 3.08
CA ALA B 257 10.99 -2.87 3.31
C ALA B 257 11.44 -2.86 4.77
N ALA B 258 10.50 -3.13 5.68
CA ALA B 258 10.82 -3.19 7.08
C ALA B 258 11.77 -4.36 7.33
N LEU B 259 11.51 -5.47 6.65
CA LEU B 259 12.33 -6.69 6.79
C LEU B 259 13.73 -6.52 6.21
N VAL B 260 13.83 -5.80 5.09
CA VAL B 260 15.14 -5.49 4.53
C VAL B 260 15.95 -4.69 5.56
N ILE B 261 15.30 -3.76 6.22
CA ILE B 261 15.95 -2.93 7.23
C ILE B 261 16.46 -3.76 8.42
N LEU B 262 15.63 -4.67 8.90
CA LEU B 262 16.01 -5.54 10.01
C LEU B 262 16.90 -6.68 9.54
N LYS B 263 17.13 -6.75 8.23
CA LYS B 263 17.93 -7.79 7.62
C LYS B 263 17.34 -9.16 7.87
N LYS B 264 16.01 -9.24 7.78
CA LYS B 264 15.30 -10.47 8.03
C LYS B 264 14.38 -10.80 6.87
N GLU B 265 14.76 -10.37 5.66
CA GLU B 265 13.96 -10.61 4.45
C GLU B 265 13.61 -12.08 4.29
N ARG B 266 14.49 -12.94 4.78
CA ARG B 266 14.39 -14.37 4.53
C ARG B 266 13.30 -15.05 5.38
N SER B 267 12.76 -14.33 6.37
CA SER B 267 11.62 -14.82 7.14
C SER B 267 10.39 -15.04 6.26
N LEU B 268 10.38 -14.42 5.09
CA LEU B 268 9.24 -14.51 4.18
C LEU B 268 9.48 -15.55 3.12
N ASN B 269 8.40 -16.07 2.58
CA ASN B 269 8.46 -16.84 1.36
C ASN B 269 8.61 -15.84 0.20
N LEU B 270 9.86 -15.61 -0.19
CA LEU B 270 10.17 -14.59 -1.19
C LEU B 270 9.75 -15.03 -2.57
N LYS B 271 9.64 -16.34 -2.76
CA LYS B 271 9.23 -16.91 -4.02
C LYS B 271 7.77 -16.55 -4.30
N SER B 272 6.89 -16.85 -3.34
CA SER B 272 5.46 -16.57 -3.51
C SER B 272 5.17 -15.07 -3.51
N LEU B 273 5.97 -14.30 -2.78
CA LEU B 273 5.87 -12.85 -2.80
C LEU B 273 6.16 -12.28 -4.20
N LEU B 274 7.22 -12.77 -4.84
CA LEU B 274 7.59 -12.32 -6.18
C LEU B 274 6.47 -12.64 -7.17
N GLN B 275 5.92 -13.84 -7.07
CA GLN B 275 4.85 -14.23 -7.98
C GLN B 275 3.65 -13.30 -7.80
N TRP B 276 3.36 -12.95 -6.56
CA TRP B 276 2.23 -12.11 -6.26
C TRP B 276 2.41 -10.68 -6.76
N VAL B 277 3.58 -10.09 -6.51
CA VAL B 277 3.81 -8.70 -6.93
C VAL B 277 3.80 -8.55 -8.44
N THR B 278 4.40 -9.50 -9.16
CA THR B 278 4.49 -9.39 -10.61
C THR B 278 3.14 -9.60 -11.26
N SER B 279 2.25 -10.28 -10.56
CA SER B 279 0.89 -10.46 -11.04
C SER B 279 0.03 -9.21 -10.86
N ARG B 280 0.59 -8.18 -10.23
CA ARG B 280 -0.18 -6.98 -9.91
C ARG B 280 -0.06 -5.92 -10.99
N GLN B 281 0.79 -6.19 -11.97
CA GLN B 281 0.94 -5.30 -13.10
C GLN B 281 -0.15 -5.65 -14.12
N MET B 282 -0.94 -4.64 -14.49
CA MET B 282 -2.08 -4.85 -15.39
C MET B 282 -1.59 -5.11 -16.80
N ARG B 283 -2.11 -6.15 -17.43
CA ARG B 283 -1.63 -6.55 -18.76
C ARG B 283 -1.98 -5.51 -19.83
N PHE B 284 -3.09 -4.80 -19.64
CA PHE B 284 -3.51 -3.81 -20.61
C PHE B 284 -3.05 -2.39 -20.25
N GLU B 285 -3.26 -1.98 -19.02
CA GLU B 285 -2.93 -0.62 -18.61
C GLU B 285 -1.42 -0.43 -18.42
N GLY B 286 -0.74 -1.46 -17.93
CA GLY B 286 0.71 -1.38 -17.73
C GLY B 286 1.08 -0.85 -16.35
N GLY B 287 0.13 -0.20 -15.69
CA GLY B 287 0.33 0.23 -14.31
C GLY B 287 0.01 -0.89 -13.34
N PHE B 288 0.07 -0.60 -12.05
CA PHE B 288 -0.16 -1.62 -11.03
C PHE B 288 -1.49 -1.45 -10.30
N GLN B 289 -2.01 -2.55 -9.77
CA GLN B 289 -3.14 -2.53 -8.87
C GLN B 289 -2.62 -2.80 -7.45
N GLY B 290 -3.44 -2.48 -6.45
CA GLY B 290 -3.04 -2.65 -5.05
C GLY B 290 -3.26 -4.07 -4.57
N ARG B 291 -4.27 -4.72 -5.13
CA ARG B 291 -4.58 -6.10 -4.81
C ARG B 291 -5.30 -6.76 -5.97
N CYS B 292 -5.27 -8.09 -5.98
CA CYS B 292 -5.83 -8.88 -7.06
C CYS B 292 -7.28 -8.51 -7.34
N ASN B 293 -7.61 -8.41 -8.62
CA ASN B 293 -8.99 -8.09 -9.07
C ASN B 293 -9.49 -6.70 -8.71
N LYS B 294 -8.58 -5.78 -8.42
CA LYS B 294 -8.99 -4.38 -8.28
C LYS B 294 -8.42 -3.53 -9.42
N LEU B 295 -8.54 -2.21 -9.30
CA LEU B 295 -8.25 -1.31 -10.40
C LEU B 295 -6.82 -0.75 -10.35
N VAL B 296 -6.30 -0.36 -11.50
CA VAL B 296 -4.98 0.23 -11.58
C VAL B 296 -4.96 1.56 -10.84
N ASP B 297 -3.81 1.95 -10.30
CA ASP B 297 -3.67 3.22 -9.61
C ASP B 297 -2.21 3.64 -9.63
N GLY B 298 -1.97 4.83 -10.17
CA GLY B 298 -0.61 5.33 -10.35
C GLY B 298 0.28 5.34 -9.13
N CYS B 299 -0.30 5.34 -7.95
CA CYS B 299 0.53 5.47 -6.75
C CYS B 299 1.15 4.12 -6.41
N TYR B 300 0.53 3.05 -6.92
CA TYR B 300 1.09 1.72 -6.80
C TYR B 300 2.28 1.52 -7.73
N SER B 301 2.48 2.46 -8.64
CA SER B 301 3.69 2.48 -9.44
C SER B 301 4.91 2.48 -8.52
N PHE B 302 4.70 2.89 -7.27
CA PHE B 302 5.77 2.76 -6.31
C PHE B 302 5.61 1.58 -5.35
N TRP B 303 4.47 1.50 -4.67
CA TRP B 303 4.30 0.52 -3.61
C TRP B 303 4.49 -0.91 -4.14
N GLN B 304 3.92 -1.20 -5.30
CA GLN B 304 4.06 -2.50 -5.93
C GLN B 304 5.40 -2.62 -6.67
N ALA B 305 5.62 -1.76 -7.66
CA ALA B 305 6.82 -1.84 -8.49
C ALA B 305 8.10 -1.64 -7.68
N GLY B 306 8.02 -0.92 -6.57
CA GLY B 306 9.19 -0.67 -5.71
C GLY B 306 9.62 -1.89 -4.92
N LEU B 307 8.78 -2.92 -4.92
CA LEU B 307 9.11 -4.18 -4.28
C LEU B 307 10.15 -4.98 -5.05
N LEU B 308 10.25 -4.73 -6.34
CA LEU B 308 11.15 -5.52 -7.18
C LEU B 308 12.62 -5.22 -6.97
N PRO B 309 12.98 -3.96 -6.74
CA PRO B 309 14.34 -3.68 -6.31
C PRO B 309 14.65 -4.31 -4.96
N LEU B 310 13.63 -4.41 -4.10
CA LEU B 310 13.82 -5.00 -2.77
C LEU B 310 14.03 -6.50 -2.89
N LEU B 311 13.22 -7.14 -3.72
CA LEU B 311 13.32 -8.58 -3.99
C LEU B 311 14.60 -8.91 -4.75
N HIS B 312 15.01 -8.00 -5.63
CA HIS B 312 16.22 -8.20 -6.39
C HIS B 312 17.44 -8.19 -5.47
N ARG B 313 17.43 -7.29 -4.50
CA ARG B 313 18.55 -7.18 -3.56
C ARG B 313 18.54 -8.31 -2.54
N ALA B 314 17.36 -8.84 -2.25
CA ALA B 314 17.23 -9.92 -1.28
C ALA B 314 17.68 -11.25 -1.90
N LEU B 315 17.22 -11.53 -3.12
CA LEU B 315 17.57 -12.76 -3.80
C LEU B 315 19.06 -12.78 -4.14
N HIS B 316 19.60 -11.62 -4.48
CA HIS B 316 21.01 -11.48 -4.79
C HIS B 316 21.87 -11.74 -3.55
N ALA B 317 21.32 -11.43 -2.39
CA ALA B 317 22.01 -11.68 -1.12
C ALA B 317 22.08 -13.19 -0.86
N GLN B 318 21.06 -13.93 -1.33
CA GLN B 318 21.07 -15.39 -1.24
C GLN B 318 22.03 -15.99 -2.25
N GLY B 319 22.36 -15.24 -3.30
CA GLY B 319 23.23 -15.73 -4.37
C GLY B 319 22.47 -16.32 -5.53
N ASP B 320 21.27 -15.81 -5.76
CA ASP B 320 20.42 -16.24 -6.88
C ASP B 320 21.13 -15.93 -8.20
N PRO B 321 21.46 -16.98 -8.96
CA PRO B 321 22.23 -16.80 -10.19
C PRO B 321 21.39 -16.34 -11.38
N ALA B 322 20.08 -16.49 -11.29
CA ALA B 322 19.23 -16.21 -12.46
C ALA B 322 18.81 -14.75 -12.60
N LEU B 323 19.16 -13.92 -11.62
CA LEU B 323 18.74 -12.52 -11.64
C LEU B 323 19.31 -11.75 -12.83
N SER B 324 18.46 -10.97 -13.48
CA SER B 324 18.87 -10.10 -14.59
C SER B 324 19.85 -9.03 -14.12
N MET B 325 20.71 -8.60 -15.03
CA MET B 325 21.74 -7.63 -14.67
C MET B 325 21.49 -6.27 -15.32
N SER B 326 20.28 -6.09 -15.86
CA SER B 326 19.93 -4.85 -16.54
C SER B 326 18.51 -4.35 -16.23
N HIS B 327 17.61 -5.26 -15.90
CA HIS B 327 16.21 -4.91 -15.70
C HIS B 327 15.65 -5.37 -14.35
N TRP B 328 14.63 -4.67 -13.85
CA TRP B 328 13.85 -5.15 -12.70
C TRP B 328 12.86 -6.18 -13.22
N MET B 329 12.25 -6.94 -12.32
CA MET B 329 11.32 -7.97 -12.77
C MET B 329 9.87 -7.52 -12.97
N PHE B 330 9.72 -6.37 -13.64
CA PHE B 330 8.43 -5.92 -14.15
C PHE B 330 8.61 -5.22 -15.50
N HIS B 331 7.50 -5.03 -16.23
CA HIS B 331 7.58 -4.33 -17.52
C HIS B 331 7.87 -2.85 -17.28
N GLN B 332 9.15 -2.49 -17.24
CA GLN B 332 9.56 -1.12 -16.95
C GLN B 332 9.04 -0.13 -17.99
N GLN B 333 9.10 -0.54 -19.25
CA GLN B 333 8.58 0.24 -20.36
C GLN B 333 7.10 0.57 -20.14
N ALA B 334 6.29 -0.47 -19.92
CA ALA B 334 4.84 -0.32 -19.81
C ALA B 334 4.40 0.51 -18.61
N LEU B 335 5.17 0.46 -17.52
CA LEU B 335 4.86 1.29 -16.38
C LEU B 335 5.12 2.77 -16.70
N GLN B 336 6.24 3.04 -17.36
CA GLN B 336 6.56 4.42 -17.74
C GLN B 336 5.49 4.96 -18.70
N GLU B 337 5.11 4.13 -19.66
CA GLU B 337 4.05 4.46 -20.60
C GLU B 337 2.76 4.84 -19.87
N TYR B 338 2.36 4.02 -18.90
CA TYR B 338 1.14 4.27 -18.14
C TYR B 338 1.19 5.62 -17.40
N ILE B 339 2.30 5.87 -16.72
CA ILE B 339 2.44 7.09 -15.94
C ILE B 339 2.43 8.32 -16.83
N LEU B 340 3.26 8.31 -17.87
CA LEU B 340 3.46 9.49 -18.72
C LEU B 340 2.20 9.83 -19.51
N MET B 341 1.50 8.81 -19.99
CA MET B 341 0.33 9.04 -20.82
C MET B 341 -0.96 9.23 -20.02
N CYS B 342 -1.12 8.47 -18.92
CA CYS B 342 -2.40 8.42 -18.22
C CYS B 342 -2.44 9.14 -16.87
N CYS B 343 -1.29 9.41 -16.27
CA CYS B 343 -1.26 9.91 -14.90
C CYS B 343 -0.80 11.36 -14.78
N GLN B 344 -0.66 12.03 -15.91
CA GLN B 344 -0.23 13.43 -15.87
C GLN B 344 -1.40 14.38 -16.02
N CYS B 345 -1.45 15.36 -15.13
CA CYS B 345 -2.41 16.45 -15.24
C CYS B 345 -1.76 17.59 -16.03
N PRO B 346 -2.45 18.07 -17.08
CA PRO B 346 -1.92 19.12 -17.96
C PRO B 346 -1.55 20.38 -17.18
N ALA B 347 -2.33 20.67 -16.15
CA ALA B 347 -2.08 21.83 -15.30
C ALA B 347 -0.93 21.60 -14.31
N GLY B 348 -0.40 20.37 -14.26
CA GLY B 348 0.66 20.04 -13.32
C GLY B 348 0.19 19.07 -12.26
N GLY B 349 1.16 18.34 -11.68
CA GLY B 349 0.84 17.29 -10.71
C GLY B 349 0.42 16.00 -11.39
N LEU B 350 0.42 14.91 -10.63
CA LEU B 350 0.12 13.59 -11.20
C LEU B 350 -1.05 12.95 -10.48
N LEU B 351 -1.59 11.88 -11.08
CA LEU B 351 -2.81 11.31 -10.55
C LEU B 351 -2.94 9.78 -10.60
N ASP B 352 -4.01 9.30 -9.99
CA ASP B 352 -4.35 7.89 -9.90
C ASP B 352 -4.54 7.32 -11.30
N LYS B 353 -5.60 7.77 -11.98
CA LYS B 353 -5.89 7.36 -13.34
C LYS B 353 -6.64 8.49 -14.04
N PRO B 354 -6.74 8.44 -15.38
CA PRO B 354 -7.55 9.43 -16.08
C PRO B 354 -8.94 9.57 -15.47
N GLY B 355 -9.38 10.81 -15.28
CA GLY B 355 -10.67 11.08 -14.65
C GLY B 355 -10.51 11.50 -13.20
N LYS B 356 -9.39 11.13 -12.59
CA LYS B 356 -9.12 11.49 -11.21
C LYS B 356 -8.46 12.86 -11.14
N SER B 357 -8.55 13.51 -9.99
CA SER B 357 -7.92 14.81 -9.83
C SER B 357 -6.59 14.67 -9.10
N ARG B 358 -5.65 15.54 -9.45
CA ARG B 358 -4.31 15.53 -8.89
C ARG B 358 -4.28 15.75 -7.38
N ASP B 359 -3.26 15.19 -6.74
CA ASP B 359 -2.95 15.54 -5.36
C ASP B 359 -1.47 15.33 -5.13
N PHE B 360 -0.96 15.79 -4.01
CA PHE B 360 0.46 15.70 -3.76
C PHE B 360 0.94 14.28 -3.46
N TYR B 361 0.03 13.45 -2.94
CA TYR B 361 0.31 12.06 -2.67
C TYR B 361 0.60 11.32 -3.97
N HIS B 362 -0.28 11.43 -4.95
CA HIS B 362 -0.08 10.75 -6.22
C HIS B 362 1.05 11.36 -7.03
N THR B 363 1.35 12.64 -6.79
CA THR B 363 2.46 13.29 -7.43
C THR B 363 3.76 12.67 -6.92
N CYS B 364 3.82 12.46 -5.62
CA CYS B 364 4.99 11.86 -5.00
C CYS B 364 5.29 10.44 -5.50
N TYR B 365 4.26 9.61 -5.58
CA TYR B 365 4.48 8.19 -5.82
C TYR B 365 4.42 7.80 -7.28
N CYS B 366 3.88 8.67 -8.12
CA CYS B 366 3.96 8.42 -9.55
C CYS B 366 5.37 8.66 -10.00
N LEU B 367 6.00 9.69 -9.43
CA LEU B 367 7.33 10.06 -9.86
C LEU B 367 8.35 9.13 -9.23
N SER B 368 8.08 8.71 -7.99
CA SER B 368 8.92 7.69 -7.34
C SER B 368 8.86 6.39 -8.15
N GLY B 369 7.66 6.02 -8.58
CA GLY B 369 7.49 4.86 -9.45
C GLY B 369 8.24 5.00 -10.76
N LEU B 370 8.08 6.15 -11.42
CA LEU B 370 8.74 6.39 -12.71
C LEU B 370 10.25 6.28 -12.57
N SER B 371 10.80 6.90 -11.53
CA SER B 371 12.22 6.82 -11.25
C SER B 371 12.66 5.37 -11.11
N ILE B 372 11.89 4.59 -10.36
CA ILE B 372 12.16 3.17 -10.18
C ILE B 372 12.22 2.44 -11.54
N ALA B 373 11.21 2.65 -12.38
CA ALA B 373 11.15 1.98 -13.68
C ALA B 373 12.20 2.49 -14.66
N GLN B 374 12.82 3.61 -14.33
CA GLN B 374 13.85 4.18 -15.17
C GLN B 374 15.23 3.68 -14.78
N HIS B 375 15.44 3.45 -13.48
CA HIS B 375 16.78 3.15 -12.98
C HIS B 375 16.96 1.75 -12.43
N PHE B 376 17.98 1.06 -12.95
CA PHE B 376 18.39 -0.23 -12.45
C PHE B 376 19.76 -0.11 -11.79
N GLY B 377 19.88 -0.65 -10.58
CA GLY B 377 21.12 -0.55 -9.81
C GLY B 377 21.40 -1.80 -8.99
N SER B 378 22.43 -2.55 -9.38
CA SER B 378 22.85 -3.75 -8.65
C SER B 378 24.37 -3.80 -8.51
N GLY B 379 24.89 -3.02 -7.57
CA GLY B 379 26.34 -2.96 -7.33
C GLY B 379 27.08 -2.17 -8.39
N ALA B 380 27.73 -2.89 -9.31
CA ALA B 380 28.48 -2.25 -10.38
C ALA B 380 27.67 -2.15 -11.68
N MET B 381 26.59 -2.92 -11.77
CA MET B 381 25.74 -2.92 -12.95
C MET B 381 24.71 -1.79 -12.86
N LEU B 382 24.71 -0.92 -13.86
CA LEU B 382 23.77 0.21 -13.91
C LEU B 382 23.19 0.39 -15.31
N HIS B 383 21.91 0.10 -15.46
CA HIS B 383 21.23 0.25 -16.76
C HIS B 383 19.97 1.09 -16.64
N ASP B 384 19.72 1.94 -17.63
CA ASP B 384 18.55 2.81 -17.63
C ASP B 384 17.63 2.55 -18.80
N VAL B 385 16.33 2.78 -18.59
CA VAL B 385 15.36 2.86 -19.67
C VAL B 385 14.59 4.16 -19.46
N VAL B 386 14.85 5.16 -20.31
CA VAL B 386 14.12 6.43 -20.20
C VAL B 386 13.21 6.57 -21.40
N MET B 387 11.92 6.31 -21.19
CA MET B 387 10.93 6.37 -22.25
C MET B 387 10.60 7.80 -22.64
N GLY B 388 10.21 7.99 -23.90
CA GLY B 388 9.95 9.32 -24.44
C GLY B 388 11.22 10.16 -24.51
N VAL B 389 11.05 11.48 -24.42
CA VAL B 389 12.19 12.38 -24.52
C VAL B 389 13.14 12.18 -23.33
N PRO B 390 14.46 12.28 -23.57
CA PRO B 390 15.45 11.92 -22.55
C PRO B 390 15.45 12.85 -21.34
N GLU B 391 14.76 13.97 -21.44
CA GLU B 391 14.67 14.91 -20.32
C GLU B 391 13.69 14.40 -19.25
N ASN B 392 13.01 13.30 -19.57
CA ASN B 392 12.11 12.65 -18.65
C ASN B 392 12.83 12.00 -17.47
N VAL B 393 14.15 11.81 -17.62
CA VAL B 393 14.94 11.13 -16.61
C VAL B 393 14.91 11.85 -15.27
N LEU B 394 14.67 11.10 -14.20
CA LEU B 394 14.56 11.66 -12.86
C LEU B 394 15.76 11.26 -12.04
N GLN B 395 15.86 11.81 -10.85
CA GLN B 395 16.86 11.37 -9.89
C GLN B 395 16.44 10.00 -9.35
N PRO B 396 17.42 9.13 -9.08
CA PRO B 396 17.06 7.81 -8.56
C PRO B 396 16.51 7.92 -7.13
N THR B 397 15.80 6.90 -6.67
CA THR B 397 15.34 6.88 -5.28
C THR B 397 15.67 5.56 -4.58
N HIS B 398 15.90 5.63 -3.28
CA HIS B 398 16.18 4.45 -2.49
C HIS B 398 14.90 3.63 -2.28
N PRO B 399 14.91 2.35 -2.68
CA PRO B 399 13.73 1.51 -2.63
C PRO B 399 13.18 1.23 -1.22
N VAL B 400 13.95 1.54 -0.19
CA VAL B 400 13.52 1.28 1.19
C VAL B 400 12.87 2.50 1.83
N TYR B 401 13.52 3.66 1.68
CA TYR B 401 13.08 4.87 2.34
C TYR B 401 12.29 5.79 1.42
N ASN B 402 12.43 5.56 0.12
CA ASN B 402 11.91 6.46 -0.90
C ASN B 402 12.35 7.90 -0.70
N ILE B 403 13.63 8.08 -0.45
CA ILE B 403 14.30 9.37 -0.58
C ILE B 403 15.56 9.10 -1.38
N GLY B 404 16.23 10.16 -1.83
CA GLY B 404 17.47 10.02 -2.62
C GLY B 404 18.49 9.12 -1.95
N PRO B 405 19.07 8.17 -2.71
CA PRO B 405 20.07 7.22 -2.23
C PRO B 405 21.25 7.90 -1.54
N ASP B 406 21.58 9.11 -1.99
CA ASP B 406 22.66 9.90 -1.42
C ASP B 406 22.27 10.45 -0.06
N LYS B 407 20.98 10.74 0.11
CA LYS B 407 20.47 11.32 1.36
C LYS B 407 20.41 10.27 2.44
N VAL B 408 20.17 9.03 2.03
CA VAL B 408 20.14 7.91 2.96
C VAL B 408 21.53 7.68 3.53
N ILE B 409 22.51 7.63 2.62
CA ILE B 409 23.90 7.47 3.02
C ILE B 409 24.35 8.64 3.87
N GLN B 410 24.04 9.85 3.41
CA GLN B 410 24.44 11.06 4.12
C GLN B 410 23.87 11.08 5.55
N ALA B 411 22.60 10.73 5.69
CA ALA B 411 21.96 10.75 6.99
C ALA B 411 22.46 9.66 7.93
N THR B 412 22.56 8.42 7.44
CA THR B 412 23.03 7.33 8.28
C THR B 412 24.45 7.60 8.76
N THR B 413 25.32 8.06 7.86
CA THR B 413 26.70 8.39 8.21
C THR B 413 26.74 9.43 9.32
N HIS B 414 25.90 10.45 9.21
CA HIS B 414 25.85 11.49 10.23
C HIS B 414 25.43 10.95 11.60
N PHE B 415 24.34 10.18 11.62
CA PHE B 415 23.77 9.72 12.88
C PHE B 415 24.55 8.56 13.49
N LEU B 416 25.40 7.92 12.70
CA LEU B 416 26.25 6.85 13.22
C LEU B 416 27.38 7.41 14.07
N GLN B 417 27.63 8.71 13.94
CA GLN B 417 28.61 9.40 14.78
C GLN B 417 28.03 9.66 16.17
N LYS B 418 26.71 9.57 16.28
CA LYS B 418 26.05 9.67 17.56
C LYS B 418 25.97 8.27 18.17
N PRO B 419 26.02 8.18 19.51
CA PRO B 419 25.83 6.88 20.13
C PRO B 419 24.33 6.53 20.21
N VAL B 420 24.03 5.23 20.15
CA VAL B 420 22.68 4.76 20.39
C VAL B 420 22.24 5.14 21.81
N PRO B 421 21.23 6.01 21.92
CA PRO B 421 20.77 6.60 23.17
C PRO B 421 20.78 5.64 24.35
N GLY B 422 21.66 5.92 25.32
CA GLY B 422 21.83 5.07 26.49
C GLY B 422 23.13 4.28 26.40
N PHE B 423 24.11 4.84 25.71
CA PHE B 423 25.40 4.17 25.47
C PHE B 423 25.26 2.74 24.95
N VAL C 4 -6.65 7.34 1.22
CA VAL C 4 -6.05 7.73 2.53
C VAL C 4 -5.13 6.64 3.06
N ILE C 5 -3.90 7.02 3.38
CA ILE C 5 -2.92 6.08 3.89
C ILE C 5 -2.62 6.31 5.37
N MET C 6 -3.37 7.22 6.00
CA MET C 6 -3.09 7.56 7.38
C MET C 6 -4.34 7.64 8.25
#